data_7L4F
#
_entry.id   7L4F
#
_cell.length_a   172.216
_cell.length_b   70.833
_cell.length_c   103.735
_cell.angle_alpha   90.000
_cell.angle_beta   98.020
_cell.angle_gamma   90.000
#
_symmetry.space_group_name_H-M   'C 1 2 1'
#
loop_
_entity.id
_entity.type
_entity.pdbx_description
1 polymer 'DNA (cytosine-5)-methyltransferase DRM2'
2 polymer "DNA (5'-D(*TP*AP*AP*AP*GP*GP*AP*TP*GP*AP*GP*GP*AP*GP*GP*AP*AP*T)-3')"
3 polymer "DNA (5'-D(*AP*TP*TP*CP*CP*TP*CP*CP*TP*(C49)P*AP*TP*CP*CP*TP*TP*TP*A)-3')"
4 non-polymer S-ADENOSYL-L-HOMOCYSTEINE
5 non-polymer "2'-DEOXYADENOSINE-5'-MONOPHOSPHATE"
6 water water
#
loop_
_entity_poly.entity_id
_entity_poly.type
_entity_poly.pdbx_seq_one_letter_code
_entity_poly.pdbx_strand_id
1 'polypeptide(L)'
;SVDDEPIRLPNPMIGFGVPNEPGLITHRSLPELARGPPFFYYENVALTPKGVWETISRHLFEIPPEFVDSKYFCVAARKR
GYIHNLPINNRFQIQPPPKYTIHDAFPLSKRWWPEWDKRTKLNCILTCTGSAQLTNRIRVALEPYNEEPEPPKHVQRYVI
DQCKKWNLVWVGKNKAAPLEPDEMESILGFPKNHTRGGGMSRTERFKSLGNSFQVDTVAYHLSVLKPIFPHGINVLSLFT
GIGGGEVALHRLQIKMKLVVSVEISKVNRNILKDFWEQTNQTGELIEFSDIQHLTNDTIEGLMEKYGGFDLVIGGSPCNN
LAGGNRVSRVGLEGDQSSLFFEYCRILEVVRARMRGS
;
B,A
2 'polydeoxyribonucleotide' (DT)(DA)(DA)(DA)(DG)(DG)(DA)(DT)(DG)(DA)(DG)(DG)(DA)(DG)(DG)(DA)(DA)(DT) C,E
3 'polydeoxyribonucleotide' (DA)(DT)(DT)(DC)(DC)(DT)(DC)(DC)(DT)(C49)(DA)(DT)(DC)(DC)(DT)(DT)(DT)(DA) D,G
#
# COMPACT_ATOMS: atom_id res chain seq x y z
N PRO A 6 14.49 -9.53 -10.49
CA PRO A 6 14.03 -10.65 -9.64
C PRO A 6 14.97 -10.92 -8.45
N ILE A 7 14.64 -10.46 -7.23
CA ILE A 7 15.58 -10.53 -6.11
C ILE A 7 15.89 -11.98 -5.76
N ARG A 8 17.17 -12.26 -5.48
CA ARG A 8 17.61 -13.58 -5.05
C ARG A 8 18.44 -13.44 -3.78
N LEU A 9 18.38 -14.48 -2.89
CA LEU A 9 18.98 -14.34 -1.57
C LEU A 9 20.48 -14.66 -1.64
N PRO A 10 21.31 -13.85 -0.98
CA PRO A 10 22.76 -14.07 -1.03
C PRO A 10 23.14 -15.33 -0.25
N ASN A 11 24.02 -16.12 -0.83
CA ASN A 11 24.54 -17.32 -0.16
C ASN A 11 26.06 -17.26 -0.10
N PRO A 12 26.68 -17.12 1.10
CA PRO A 12 26.05 -17.04 2.44
C PRO A 12 25.26 -15.75 2.69
N MET A 13 24.36 -15.77 3.67
CA MET A 13 23.49 -14.62 3.94
C MET A 13 24.19 -13.73 4.97
N ILE A 14 25.22 -13.02 4.48
CA ILE A 14 26.00 -12.10 5.32
C ILE A 14 25.78 -10.63 4.99
N GLY A 15 24.89 -10.31 4.06
CA GLY A 15 24.78 -8.92 3.64
C GLY A 15 26.12 -8.39 3.17
N PHE A 16 26.42 -7.13 3.55
CA PHE A 16 27.70 -6.51 3.28
C PHE A 16 28.83 -7.04 4.14
N GLY A 17 28.55 -7.99 5.02
CA GLY A 17 29.55 -8.61 5.86
C GLY A 17 29.03 -8.73 7.28
N VAL A 18 29.69 -9.60 8.05
CA VAL A 18 29.36 -9.88 9.44
C VAL A 18 30.68 -10.14 10.15
N PRO A 19 30.76 -9.97 11.47
CA PRO A 19 32.03 -10.24 12.16
C PRO A 19 32.48 -11.69 11.96
N ASN A 20 33.78 -11.92 12.10
CA ASN A 20 34.35 -13.26 12.19
C ASN A 20 34.09 -14.12 10.94
N GLU A 21 33.70 -13.51 9.82
CA GLU A 21 33.44 -14.21 8.56
C GLU A 21 33.98 -13.37 7.42
N PRO A 22 34.45 -13.99 6.34
CA PRO A 22 34.92 -13.21 5.17
C PRO A 22 33.76 -12.68 4.34
N GLY A 23 34.08 -12.00 3.24
CA GLY A 23 33.06 -11.42 2.41
C GLY A 23 32.68 -9.98 2.72
N LEU A 24 33.48 -9.26 3.51
CA LEU A 24 33.06 -7.92 3.96
C LEU A 24 33.24 -6.87 2.86
N ILE A 25 32.31 -5.93 2.82
CA ILE A 25 32.27 -4.86 1.82
C ILE A 25 31.93 -3.55 2.52
N THR A 26 32.72 -2.50 2.24
CA THR A 26 32.69 -1.26 3.02
C THR A 26 32.12 -0.07 2.27
N HIS A 27 31.73 -0.21 1.01
CA HIS A 27 31.14 0.92 0.30
C HIS A 27 30.06 0.42 -0.64
N ARG A 28 29.10 1.31 -0.93
CA ARG A 28 27.97 0.96 -1.77
C ARG A 28 27.42 2.22 -2.42
N SER A 29 26.72 2.02 -3.54
CA SER A 29 26.09 3.11 -4.27
C SER A 29 24.62 3.22 -3.84
N LEU A 30 24.19 4.43 -3.55
CA LEU A 30 22.81 4.68 -3.20
C LEU A 30 22.22 5.69 -4.18
N PRO A 31 21.04 5.40 -4.73
CA PRO A 31 20.33 6.40 -5.52
C PRO A 31 20.24 7.73 -4.77
N GLU A 32 20.61 8.81 -5.47
CA GLU A 32 20.57 10.14 -4.84
C GLU A 32 19.27 10.36 -4.07
N LEU A 33 18.16 9.83 -4.58
CA LEU A 33 16.88 10.03 -3.91
C LEU A 33 16.86 9.38 -2.53
N ALA A 34 17.52 8.22 -2.37
CA ALA A 34 17.53 7.54 -1.09
C ALA A 34 18.42 8.20 -0.04
N ARG A 35 19.29 9.13 -0.40
CA ARG A 35 20.22 9.67 0.58
C ARG A 35 19.45 10.52 1.60
N GLY A 36 19.83 10.39 2.87
CA GLY A 36 19.23 11.18 3.92
C GLY A 36 19.68 12.62 3.85
N PRO A 37 19.30 13.44 4.86
CA PRO A 37 18.56 13.07 6.08
C PRO A 37 17.08 12.87 5.81
N PRO A 38 16.36 12.18 6.70
CA PRO A 38 16.84 11.39 7.83
C PRO A 38 17.41 10.04 7.40
N PHE A 39 18.19 9.43 8.29
CA PHE A 39 18.50 8.03 8.16
C PHE A 39 17.25 7.21 8.47
N PHE A 40 17.13 6.07 7.79
CA PHE A 40 16.04 5.18 8.10
C PHE A 40 16.52 3.75 7.96
N TYR A 41 15.74 2.85 8.57
CA TYR A 41 16.12 1.45 8.74
C TYR A 41 14.80 0.69 8.79
N TYR A 42 14.61 -0.22 7.84
CA TYR A 42 13.39 -1.00 7.74
C TYR A 42 13.75 -2.48 7.80
N GLU A 43 13.03 -3.24 8.63
CA GLU A 43 13.30 -4.66 8.80
C GLU A 43 12.04 -5.44 8.45
N ASN A 44 12.25 -6.62 7.86
CA ASN A 44 11.15 -7.57 7.65
C ASN A 44 11.74 -8.92 7.28
N VAL A 45 10.86 -9.93 7.28
CA VAL A 45 11.30 -11.31 7.09
C VAL A 45 11.85 -11.50 5.67
N ALA A 46 12.90 -12.33 5.56
CA ALA A 46 13.47 -12.63 4.24
C ALA A 46 12.57 -13.52 3.41
N LEU A 47 12.04 -14.59 3.98
CA LEU A 47 11.35 -15.57 3.16
C LEU A 47 9.87 -15.19 2.98
N THR A 48 9.57 -14.44 1.93
CA THR A 48 8.25 -13.90 1.64
C THR A 48 7.64 -14.60 0.44
N PRO A 49 6.37 -14.32 0.12
CA PRO A 49 5.87 -14.68 -1.21
C PRO A 49 6.53 -13.81 -2.28
N LYS A 50 6.41 -14.24 -3.52
CA LYS A 50 7.16 -13.61 -4.60
C LYS A 50 6.71 -12.17 -4.84
N GLY A 51 7.65 -11.34 -5.27
CA GLY A 51 7.36 -9.96 -5.60
C GLY A 51 7.24 -9.01 -4.43
N VAL A 52 7.39 -9.51 -3.20
CA VAL A 52 7.20 -8.64 -2.04
C VAL A 52 8.40 -7.71 -1.85
N TRP A 53 9.61 -8.26 -1.78
CA TRP A 53 10.78 -7.41 -1.60
C TRP A 53 11.00 -6.48 -2.80
N GLU A 54 10.63 -6.91 -4.00
CA GLU A 54 10.69 -6.01 -5.16
C GLU A 54 9.76 -4.82 -4.95
N THR A 55 8.54 -5.08 -4.44
CA THR A 55 7.63 -3.98 -4.16
C THR A 55 8.16 -3.09 -3.05
N ILE A 56 8.66 -3.69 -1.97
CA ILE A 56 9.11 -2.92 -0.81
C ILE A 56 10.27 -2.03 -1.20
N SER A 57 11.23 -2.59 -1.94
CA SER A 57 12.42 -1.85 -2.34
C SER A 57 12.06 -0.69 -3.28
N ARG A 58 11.14 -0.93 -4.20
CA ARG A 58 10.68 0.15 -5.06
C ARG A 58 10.08 1.30 -4.26
N HIS A 59 9.35 1.02 -3.16
CA HIS A 59 8.78 2.11 -2.38
C HIS A 59 9.80 2.77 -1.46
N LEU A 60 10.88 2.07 -1.12
CA LEU A 60 12.00 2.64 -0.38
C LEU A 60 13.13 3.02 -1.31
N PHE A 61 12.75 3.73 -2.39
CA PHE A 61 13.69 4.50 -3.21
C PHE A 61 14.65 3.60 -4.00
N GLU A 62 14.21 2.36 -4.26
CA GLU A 62 14.98 1.40 -5.06
C GLU A 62 16.28 0.99 -4.35
N ILE A 63 16.27 1.04 -3.02
CA ILE A 63 17.38 0.53 -2.21
C ILE A 63 17.31 -1.00 -2.18
N PRO A 64 18.27 -1.71 -2.75
CA PRO A 64 18.29 -3.21 -2.61
C PRO A 64 18.45 -3.60 -1.15
N PRO A 65 17.68 -4.58 -0.69
CA PRO A 65 17.83 -5.08 0.69
C PRO A 65 19.22 -5.60 0.98
N GLU A 66 19.59 -5.55 2.26
CA GLU A 66 20.73 -6.27 2.82
C GLU A 66 20.19 -7.44 3.64
N PHE A 67 20.37 -8.66 3.11
CA PHE A 67 19.88 -9.87 3.76
C PHE A 67 20.94 -10.44 4.69
N VAL A 68 20.57 -10.64 5.96
CA VAL A 68 21.47 -11.14 7.00
C VAL A 68 20.75 -12.21 7.82
N ASP A 69 21.40 -13.35 8.02
CA ASP A 69 20.94 -14.42 8.91
C ASP A 69 21.56 -14.20 10.29
N SER A 70 20.74 -14.02 11.34
CA SER A 70 21.35 -13.74 12.65
C SER A 70 22.09 -14.93 13.23
N LYS A 71 22.26 -16.01 12.47
CA LYS A 71 23.12 -17.08 12.95
C LYS A 71 24.57 -16.64 13.07
N TYR A 72 24.94 -15.51 12.46
CA TYR A 72 26.26 -14.93 12.64
C TYR A 72 26.36 -13.99 13.84
N PHE A 73 25.29 -13.86 14.62
CA PHE A 73 25.28 -13.01 15.80
C PHE A 73 24.80 -13.69 17.08
N CYS A 74 24.16 -14.85 17.00
CA CYS A 74 23.70 -15.55 18.20
C CYS A 74 23.55 -17.02 17.85
N VAL A 75 23.02 -17.80 18.81
CA VAL A 75 22.92 -19.25 18.61
C VAL A 75 21.76 -19.63 17.69
N ALA A 76 20.71 -18.79 17.63
CA ALA A 76 19.54 -19.13 16.83
C ALA A 76 19.62 -18.45 15.47
N ALA A 77 18.96 -19.05 14.48
CA ALA A 77 18.89 -18.51 13.14
C ALA A 77 17.80 -17.45 13.07
N ARG A 78 17.98 -16.50 12.14
CA ARG A 78 16.97 -15.47 11.93
C ARG A 78 17.29 -14.84 10.57
N LYS A 79 16.60 -15.33 9.54
CA LYS A 79 16.82 -14.88 8.16
C LYS A 79 16.00 -13.62 7.91
N ARG A 80 16.65 -12.48 7.90
CA ARG A 80 15.98 -11.20 7.84
C ARG A 80 16.50 -10.37 6.66
N GLY A 81 15.60 -9.55 6.11
CA GLY A 81 15.97 -8.53 5.14
C GLY A 81 15.89 -7.11 5.69
N TYR A 82 16.96 -6.33 5.49
CA TYR A 82 17.06 -4.98 6.01
C TYR A 82 17.27 -4.01 4.85
N ILE A 83 16.58 -2.86 4.91
CA ILE A 83 16.67 -1.82 3.89
C ILE A 83 16.93 -0.51 4.61
N HIS A 84 17.96 0.22 4.16
CA HIS A 84 18.43 1.38 4.89
C HIS A 84 19.39 2.19 4.03
N ASN A 85 19.56 3.46 4.43
CA ASN A 85 20.39 4.42 3.73
C ASN A 85 21.59 4.82 4.57
N LEU A 86 22.09 3.91 5.34
CA LEU A 86 23.18 4.16 6.29
C LEU A 86 24.52 3.85 5.65
N PRO A 87 25.59 4.40 6.19
CA PRO A 87 26.93 4.01 5.75
C PRO A 87 27.26 2.59 6.20
N ILE A 88 28.22 1.97 5.50
CA ILE A 88 28.65 0.60 5.80
C ILE A 88 30.04 0.55 6.44
N ASN A 89 30.92 1.49 6.09
CA ASN A 89 32.27 1.58 6.64
C ASN A 89 32.22 1.57 8.17
N ASN A 90 33.22 0.93 8.77
CA ASN A 90 33.51 1.11 10.20
C ASN A 90 32.32 0.75 11.10
N ARG A 91 31.67 -0.37 10.80
CA ARG A 91 30.76 -0.93 11.77
C ARG A 91 31.55 -1.64 12.85
N PHE A 92 30.93 -1.76 14.02
CA PHE A 92 31.47 -2.55 15.12
C PHE A 92 30.30 -3.23 15.81
N GLN A 93 30.59 -4.11 16.75
CA GLN A 93 29.55 -4.84 17.44
C GLN A 93 29.58 -4.55 18.93
N ILE A 94 28.50 -4.94 19.62
CA ILE A 94 28.43 -4.73 21.06
C ILE A 94 29.23 -5.79 21.79
N GLN A 95 29.68 -5.43 22.94
CA GLN A 95 30.16 -6.43 23.86
C GLN A 95 29.07 -6.74 24.89
N PRO A 96 29.15 -7.88 25.60
CA PRO A 96 30.18 -8.91 25.42
C PRO A 96 29.89 -9.68 24.13
N PRO A 97 30.90 -10.38 23.58
CA PRO A 97 30.65 -11.22 22.41
C PRO A 97 29.59 -12.25 22.68
N PRO A 98 28.81 -12.60 21.68
CA PRO A 98 27.68 -13.53 21.91
C PRO A 98 28.14 -14.98 21.99
N LYS A 99 27.21 -15.81 22.46
CA LYS A 99 27.38 -17.26 22.50
C LYS A 99 26.82 -17.83 21.20
N TYR A 100 27.69 -18.43 20.37
CA TYR A 100 27.26 -18.80 19.02
C TYR A 100 26.72 -20.20 18.91
N THR A 101 27.18 -21.13 19.75
CA THR A 101 26.79 -22.52 19.66
C THR A 101 26.01 -22.93 20.90
N ILE A 102 25.21 -23.98 20.75
CA ILE A 102 24.40 -24.50 21.83
C ILE A 102 25.27 -24.87 23.02
N HIS A 103 26.45 -25.44 22.76
CA HIS A 103 27.34 -25.80 23.85
C HIS A 103 27.67 -24.59 24.71
N ASP A 104 27.83 -23.42 24.08
CA ASP A 104 28.18 -22.18 24.77
C ASP A 104 26.95 -21.48 25.34
N ALA A 105 25.85 -21.43 24.59
CA ALA A 105 24.66 -20.78 25.11
C ALA A 105 23.93 -21.63 26.15
N PHE A 106 23.97 -22.96 26.05
CA PHE A 106 23.28 -23.84 27.00
C PHE A 106 24.25 -24.78 27.70
N PRO A 107 25.04 -24.27 28.65
CA PRO A 107 26.07 -25.08 29.32
C PRO A 107 25.56 -25.97 30.46
N LEU A 108 24.38 -25.72 31.01
CA LEU A 108 23.76 -26.69 31.90
C LEU A 108 23.07 -27.82 31.15
N SER A 109 23.14 -27.79 29.82
CA SER A 109 22.50 -28.80 28.99
C SER A 109 23.45 -29.91 28.52
N LYS A 110 24.76 -29.68 28.55
CA LYS A 110 25.66 -30.66 27.94
C LYS A 110 25.78 -31.93 28.77
N ARG A 111 25.27 -31.93 30.00
CA ARG A 111 25.16 -33.18 30.74
C ARG A 111 24.07 -34.07 30.16
N TRP A 112 22.99 -33.47 29.64
CA TRP A 112 21.78 -34.17 29.24
C TRP A 112 21.66 -34.34 27.74
N TRP A 113 22.62 -33.83 26.98
CA TRP A 113 22.51 -33.79 25.53
C TRP A 113 22.93 -35.13 24.95
N PRO A 114 22.04 -35.87 24.29
CA PRO A 114 22.45 -37.10 23.61
C PRO A 114 23.49 -36.80 22.53
N GLU A 115 24.29 -37.80 22.19
CA GLU A 115 25.26 -37.60 21.12
C GLU A 115 24.69 -37.91 19.74
N TRP A 116 23.50 -38.47 19.65
CA TRP A 116 22.80 -38.57 18.36
C TRP A 116 21.94 -37.33 18.03
N ASP A 117 21.97 -36.27 18.85
CA ASP A 117 21.40 -34.95 18.54
C ASP A 117 22.59 -34.06 18.18
N LYS A 118 22.79 -33.86 16.87
CA LYS A 118 24.00 -33.27 16.33
C LYS A 118 23.81 -31.80 16.02
N ARG A 119 22.83 -31.16 16.65
CA ARG A 119 22.58 -29.74 16.48
C ARG A 119 23.60 -28.93 17.26
N THR A 120 24.19 -27.95 16.59
CA THR A 120 25.02 -26.93 17.22
C THR A 120 24.37 -25.55 17.16
N LYS A 121 23.23 -25.39 16.48
CA LYS A 121 22.56 -24.12 16.30
C LYS A 121 21.05 -24.33 16.37
N LEU A 122 20.31 -23.30 16.79
CA LEU A 122 18.85 -23.42 16.87
C LEU A 122 18.19 -22.84 15.63
N ASN A 123 16.96 -23.27 15.40
CA ASN A 123 16.11 -22.64 14.40
C ASN A 123 15.54 -21.30 14.92
N CYS A 124 14.69 -20.69 14.12
CA CYS A 124 14.26 -19.34 14.38
C CYS A 124 13.26 -19.29 15.54
N ILE A 125 13.52 -18.39 16.47
CA ILE A 125 12.63 -18.17 17.62
C ILE A 125 11.36 -17.50 17.10
N LEU A 126 10.23 -18.21 17.20
CA LEU A 126 8.95 -17.73 16.70
C LEU A 126 8.00 -17.47 17.86
N THR A 127 6.74 -17.14 17.54
CA THR A 127 5.75 -16.79 18.55
C THR A 127 5.19 -18.01 19.29
N CYS A 128 5.05 -19.14 18.60
CA CYS A 128 4.49 -20.34 19.20
C CYS A 128 5.60 -21.28 19.64
N THR A 129 5.53 -21.68 20.90
CA THR A 129 6.52 -22.55 21.52
C THR A 129 5.92 -23.91 21.87
N GLY A 130 6.81 -24.85 22.18
CA GLY A 130 6.40 -26.22 22.40
C GLY A 130 5.68 -26.40 23.73
N SER A 131 4.98 -27.52 23.82
CA SER A 131 4.09 -27.81 24.92
C SER A 131 4.81 -28.65 25.98
N ALA A 132 4.26 -28.62 27.20
CA ALA A 132 4.76 -29.45 28.28
C ALA A 132 4.43 -30.92 28.07
N GLN A 133 3.37 -31.21 27.33
CA GLN A 133 3.01 -32.59 27.02
C GLN A 133 3.84 -33.17 25.88
N LEU A 134 4.27 -32.35 24.94
CA LEU A 134 5.26 -32.83 23.99
C LEU A 134 6.49 -33.36 24.73
N THR A 135 6.90 -32.66 25.82
CA THR A 135 8.04 -33.12 26.60
C THR A 135 7.79 -34.52 27.15
N ASN A 136 6.60 -34.76 27.71
CA ASN A 136 6.30 -36.07 28.30
C ASN A 136 6.25 -37.15 27.24
N ARG A 137 5.61 -36.85 26.09
CA ARG A 137 5.63 -37.81 24.99
C ARG A 137 7.06 -38.21 24.62
N ILE A 138 8.03 -37.31 24.71
CA ILE A 138 9.39 -37.68 24.32
C ILE A 138 10.04 -38.51 25.40
N ARG A 139 9.81 -38.16 26.66
CA ARG A 139 10.43 -38.90 27.76
C ARG A 139 9.94 -40.36 27.79
N VAL A 140 8.63 -40.58 27.63
CA VAL A 140 8.13 -41.94 27.70
C VAL A 140 8.54 -42.75 26.49
N ALA A 141 8.90 -42.08 25.40
CA ALA A 141 9.44 -42.76 24.23
C ALA A 141 10.91 -43.07 24.40
N LEU A 142 11.52 -42.59 25.47
CA LEU A 142 12.96 -42.68 25.65
C LEU A 142 13.39 -43.40 26.92
N GLU A 143 12.50 -43.55 27.91
CA GLU A 143 12.90 -44.26 29.13
C GLU A 143 13.15 -45.74 28.89
N PRO A 144 12.46 -46.44 27.98
CA PRO A 144 12.83 -47.84 27.69
C PRO A 144 14.30 -48.04 27.37
N TYR A 145 14.92 -47.10 26.68
CA TYR A 145 16.24 -47.33 26.10
C TYR A 145 17.36 -46.74 26.94
N ASN A 146 17.11 -46.52 28.23
CA ASN A 146 18.06 -45.79 29.06
C ASN A 146 19.38 -46.53 29.21
N GLU A 147 19.33 -47.84 29.49
CA GLU A 147 20.55 -48.61 29.65
C GLU A 147 21.35 -48.67 28.36
N GLU A 148 20.68 -48.55 27.21
CA GLU A 148 21.29 -48.72 25.90
C GLU A 148 21.85 -47.38 25.43
N PRO A 149 23.02 -47.38 24.79
CA PRO A 149 23.66 -46.09 24.45
C PRO A 149 22.88 -45.26 23.43
N GLU A 150 21.99 -45.87 22.63
CA GLU A 150 21.21 -45.14 21.65
C GLU A 150 19.82 -45.74 21.51
N PRO A 151 18.78 -44.93 21.39
CA PRO A 151 17.46 -45.47 21.06
C PRO A 151 17.47 -45.99 19.63
N PRO A 152 16.43 -46.71 19.23
CA PRO A 152 16.28 -47.09 17.82
C PRO A 152 16.13 -45.87 16.91
N LYS A 153 16.46 -46.08 15.63
CA LYS A 153 16.55 -44.93 14.73
C LYS A 153 15.19 -44.40 14.32
N HIS A 154 14.17 -45.25 14.28
CA HIS A 154 12.84 -44.69 14.10
C HIS A 154 12.43 -43.79 15.27
N VAL A 155 12.95 -44.04 16.47
CA VAL A 155 12.64 -43.22 17.63
C VAL A 155 13.52 -41.98 17.67
N GLN A 156 14.81 -42.13 17.31
CA GLN A 156 15.66 -40.97 17.11
C GLN A 156 15.02 -40.02 16.10
N ARG A 157 14.54 -40.54 14.97
CA ARG A 157 13.94 -39.66 13.97
C ARG A 157 12.70 -38.97 14.52
N TYR A 158 11.98 -39.61 15.44
CA TYR A 158 10.76 -39.00 15.96
C TYR A 158 11.07 -37.81 16.87
N VAL A 159 11.98 -37.98 17.83
CA VAL A 159 12.27 -36.91 18.78
C VAL A 159 13.13 -35.84 18.13
N ILE A 160 14.07 -36.23 17.25
CA ILE A 160 14.91 -35.23 16.61
C ILE A 160 14.07 -34.30 15.76
N ASP A 161 13.12 -34.84 15.00
CA ASP A 161 12.25 -33.97 14.22
C ASP A 161 11.44 -33.06 15.14
N GLN A 162 11.02 -33.56 16.30
CA GLN A 162 10.25 -32.71 17.21
C GLN A 162 11.12 -31.57 17.74
N CYS A 163 12.34 -31.89 18.19
CA CYS A 163 13.26 -30.86 18.69
C CYS A 163 13.53 -29.76 17.70
N LYS A 164 13.75 -30.12 16.43
CA LYS A 164 13.97 -29.11 15.41
C LYS A 164 12.70 -28.30 15.11
N LYS A 165 11.53 -28.90 15.30
CA LYS A 165 10.29 -28.21 15.03
C LYS A 165 9.94 -27.19 16.10
N TRP A 166 10.25 -27.47 17.37
CA TRP A 166 9.85 -26.61 18.46
C TRP A 166 11.02 -25.94 19.17
N ASN A 167 12.24 -26.06 18.63
CA ASN A 167 13.46 -25.56 19.25
C ASN A 167 13.56 -26.00 20.71
N LEU A 168 13.76 -27.30 20.88
CA LEU A 168 13.88 -27.87 22.21
C LEU A 168 15.34 -27.91 22.62
N VAL A 169 15.56 -27.88 23.93
CA VAL A 169 16.87 -28.07 24.52
C VAL A 169 16.73 -29.06 25.67
N TRP A 170 17.81 -29.79 25.94
CA TRP A 170 17.79 -30.87 26.94
C TRP A 170 18.09 -30.30 28.31
N VAL A 171 17.15 -30.49 29.25
CA VAL A 171 17.22 -29.87 30.56
C VAL A 171 17.34 -30.90 31.67
N GLY A 172 17.14 -32.19 31.38
CA GLY A 172 17.28 -33.27 32.33
C GLY A 172 17.30 -34.60 31.59
N LYS A 173 17.26 -35.69 32.36
CA LYS A 173 17.28 -37.02 31.76
C LYS A 173 16.02 -37.22 30.91
N ASN A 174 16.22 -37.54 29.63
CA ASN A 174 15.15 -37.75 28.65
C ASN A 174 14.20 -36.55 28.52
N LYS A 175 14.59 -35.39 29.06
CA LYS A 175 13.70 -34.24 29.15
C LYS A 175 14.15 -33.17 28.16
N ALA A 176 13.32 -32.93 27.15
CA ALA A 176 13.60 -31.95 26.10
C ALA A 176 12.50 -30.89 26.18
N ALA A 177 12.87 -29.70 26.64
CA ALA A 177 11.91 -28.65 26.93
C ALA A 177 12.10 -27.48 26.00
N PRO A 178 11.05 -26.70 25.77
CA PRO A 178 11.20 -25.47 24.99
C PRO A 178 11.96 -24.42 25.79
N LEU A 179 12.36 -23.37 25.07
CA LEU A 179 13.03 -22.26 25.71
C LEU A 179 12.06 -21.53 26.64
N GLU A 180 12.64 -20.92 27.67
CA GLU A 180 11.94 -19.99 28.54
C GLU A 180 12.05 -18.58 28.00
N PRO A 181 11.15 -17.68 28.42
CA PRO A 181 11.27 -16.28 28.00
C PRO A 181 12.63 -15.66 28.29
N ASP A 182 13.14 -15.83 29.51
CA ASP A 182 14.44 -15.21 29.81
C ASP A 182 15.53 -15.74 28.91
N GLU A 183 15.37 -16.97 28.40
CA GLU A 183 16.32 -17.55 27.46
C GLU A 183 16.14 -17.00 26.05
N MET A 184 14.90 -16.73 25.65
CA MET A 184 14.69 -16.05 24.37
C MET A 184 15.21 -14.62 24.44
N GLU A 185 15.00 -13.94 25.57
CA GLU A 185 15.43 -12.55 25.68
C GLU A 185 16.95 -12.46 25.50
N SER A 186 17.68 -13.35 26.14
CA SER A 186 19.14 -13.35 26.01
C SER A 186 19.62 -13.75 24.62
N ILE A 187 19.03 -14.79 24.01
CA ILE A 187 19.43 -15.12 22.64
C ILE A 187 19.19 -13.94 21.70
N LEU A 188 18.13 -13.18 21.95
CA LEU A 188 17.79 -12.06 21.07
C LEU A 188 18.51 -10.77 21.45
N GLY A 189 19.16 -10.70 22.62
CA GLY A 189 19.90 -9.52 23.02
C GLY A 189 19.20 -8.65 24.06
N PHE A 190 17.95 -8.93 24.39
CA PHE A 190 17.25 -8.21 25.44
C PHE A 190 17.72 -8.64 26.82
N PRO A 191 17.74 -7.73 27.78
CA PRO A 191 18.04 -8.12 29.17
C PRO A 191 16.94 -9.00 29.76
N LYS A 192 17.35 -9.91 30.63
CA LYS A 192 16.41 -10.86 31.21
C LYS A 192 15.29 -10.15 31.96
N ASN A 193 14.06 -10.63 31.75
CA ASN A 193 12.82 -10.05 32.30
C ASN A 193 12.49 -8.69 31.69
N HIS A 194 12.98 -8.46 30.46
CA HIS A 194 12.55 -7.31 29.67
C HIS A 194 11.04 -7.32 29.45
N THR A 195 10.45 -8.50 29.42
CA THR A 195 9.04 -8.68 29.13
C THR A 195 8.27 -9.20 30.33
N ARG A 196 8.94 -9.45 31.47
CA ARG A 196 8.26 -10.10 32.58
C ARG A 196 7.23 -9.19 33.21
N GLY A 197 7.60 -7.93 33.40
CA GLY A 197 6.71 -7.01 34.10
C GLY A 197 5.35 -6.93 33.44
N GLY A 198 4.32 -6.91 34.28
CA GLY A 198 3.02 -6.46 33.88
C GLY A 198 1.95 -7.50 33.96
N GLY A 199 2.17 -8.59 34.70
CA GLY A 199 1.26 -9.72 34.65
C GLY A 199 1.22 -10.39 33.29
N MET A 200 2.23 -10.16 32.45
CA MET A 200 2.24 -10.72 31.11
C MET A 200 2.22 -12.24 31.17
N SER A 201 1.30 -12.86 30.41
CA SER A 201 1.24 -14.31 30.37
C SER A 201 2.41 -14.89 29.60
N ARG A 202 2.77 -16.11 29.97
CA ARG A 202 3.81 -16.84 29.24
C ARG A 202 3.52 -16.84 27.74
N THR A 203 2.25 -17.08 27.36
CA THR A 203 1.90 -17.07 25.93
C THR A 203 2.16 -15.72 25.29
N GLU A 204 1.80 -14.61 25.95
CA GLU A 204 1.93 -13.30 25.33
C GLU A 204 3.37 -12.83 25.22
N ARG A 205 4.24 -13.25 26.14
CA ARG A 205 5.67 -12.94 26.02
C ARG A 205 6.28 -13.63 24.81
N PHE A 206 5.87 -14.86 24.51
CA PHE A 206 6.40 -15.54 23.33
C PHE A 206 6.00 -14.80 22.06
N LYS A 207 4.74 -14.36 21.97
CA LYS A 207 4.28 -13.69 20.77
C LYS A 207 5.06 -12.41 20.53
N SER A 208 5.36 -11.66 21.60
CA SER A 208 6.10 -10.42 21.47
C SER A 208 7.58 -10.63 21.25
N LEU A 209 8.17 -11.67 21.83
CA LEU A 209 9.55 -12.01 21.54
C LEU A 209 9.74 -12.53 20.11
N GLY A 210 8.79 -13.30 19.59
CA GLY A 210 8.93 -13.82 18.23
C GLY A 210 8.97 -12.72 17.19
N ASN A 211 8.16 -11.65 17.38
CA ASN A 211 8.10 -10.43 16.58
C ASN A 211 9.12 -9.39 17.02
N SER A 212 10.38 -9.72 16.86
CA SER A 212 11.38 -8.90 17.50
C SER A 212 12.64 -8.85 16.64
N PHE A 213 13.52 -7.93 17.00
CA PHE A 213 14.85 -7.83 16.41
C PHE A 213 15.80 -8.76 17.17
N GLN A 214 16.76 -9.33 16.43
CA GLN A 214 18.03 -9.69 17.06
C GLN A 214 18.77 -8.38 17.34
N VAL A 215 18.97 -8.06 18.62
CA VAL A 215 19.58 -6.78 18.99
C VAL A 215 21.01 -6.69 18.49
N ASP A 216 21.78 -7.76 18.66
CA ASP A 216 23.17 -7.75 18.18
C ASP A 216 23.23 -7.41 16.70
N THR A 217 22.34 -8.01 15.90
CA THR A 217 22.36 -7.83 14.44
C THR A 217 22.04 -6.38 14.06
N VAL A 218 20.93 -5.87 14.59
CA VAL A 218 20.50 -4.49 14.34
C VAL A 218 21.53 -3.50 14.86
N ALA A 219 22.05 -3.74 16.08
CA ALA A 219 23.06 -2.85 16.66
C ALA A 219 24.32 -2.77 15.81
N TYR A 220 24.70 -3.87 15.17
CA TYR A 220 25.90 -3.85 14.34
C TYR A 220 25.69 -2.96 13.13
N HIS A 221 24.45 -2.89 12.63
CA HIS A 221 24.18 -1.92 11.56
C HIS A 221 24.13 -0.49 12.06
N LEU A 222 23.63 -0.25 13.29
CA LEU A 222 23.49 1.11 13.79
C LEU A 222 24.74 1.62 14.45
N SER A 223 25.79 0.79 14.56
CA SER A 223 27.03 1.25 15.16
C SER A 223 27.56 2.50 14.47
N VAL A 224 27.32 2.62 13.15
CA VAL A 224 27.92 3.71 12.36
C VAL A 224 27.38 5.08 12.72
N LEU A 225 26.39 5.17 13.61
CA LEU A 225 25.81 6.44 14.03
C LEU A 225 26.46 7.02 15.27
N LYS A 226 27.25 6.22 16.03
CA LYS A 226 27.81 6.74 17.26
C LYS A 226 28.80 7.88 17.02
N PRO A 227 29.79 7.76 16.13
CA PRO A 227 30.74 8.87 15.95
C PRO A 227 30.20 10.10 15.23
N ILE A 228 29.03 10.02 14.59
CA ILE A 228 28.51 11.17 13.87
C ILE A 228 27.41 11.89 14.65
N PHE A 229 26.82 11.25 15.67
CA PHE A 229 25.91 11.93 16.58
C PHE A 229 26.50 11.92 17.99
N PRO A 230 27.51 12.75 18.26
CA PRO A 230 28.13 12.78 19.60
C PRO A 230 27.22 13.30 20.71
N HIS A 231 26.12 13.99 20.39
CA HIS A 231 25.24 14.55 21.41
C HIS A 231 23.93 13.79 21.52
N GLY A 232 23.68 12.84 20.63
CA GLY A 232 22.49 12.01 20.67
C GLY A 232 21.65 12.18 19.42
N ILE A 233 20.57 11.39 19.37
CA ILE A 233 19.67 11.41 18.22
C ILE A 233 18.22 11.53 18.68
N ASN A 234 17.35 11.80 17.71
CA ASN A 234 15.92 11.73 17.89
C ASN A 234 15.41 10.62 17.01
N VAL A 235 14.61 9.72 17.58
CA VAL A 235 14.22 8.48 16.92
C VAL A 235 12.72 8.50 16.70
N LEU A 236 12.31 8.11 15.50
CA LEU A 236 10.91 7.87 15.21
C LEU A 236 10.81 6.36 15.05
N SER A 237 10.42 5.70 16.12
CA SER A 237 10.37 4.25 16.15
C SER A 237 8.93 3.84 15.85
N LEU A 238 8.74 3.22 14.69
CA LEU A 238 7.43 2.77 14.24
C LEU A 238 7.37 1.27 14.37
N PHE A 239 6.18 0.74 14.69
CA PHE A 239 6.00 -0.67 15.01
C PHE A 239 7.04 -1.14 16.03
N THR A 240 7.02 -0.48 17.18
CA THR A 240 8.14 -0.58 18.11
C THR A 240 8.24 -1.95 18.75
N GLY A 241 7.12 -2.54 19.12
CA GLY A 241 7.09 -3.82 19.82
C GLY A 241 7.66 -3.74 21.22
N ILE A 242 8.73 -4.47 21.48
CA ILE A 242 9.35 -4.49 22.79
C ILE A 242 10.65 -3.70 22.80
N GLY A 243 10.89 -2.91 21.75
CA GLY A 243 11.97 -1.96 21.78
C GLY A 243 13.29 -2.56 21.40
N GLY A 244 13.32 -3.41 20.38
CA GLY A 244 14.59 -3.94 19.90
C GLY A 244 15.54 -2.83 19.46
N GLY A 245 15.00 -1.82 18.77
CA GLY A 245 15.87 -0.78 18.22
C GLY A 245 16.40 0.18 19.27
N GLU A 246 15.55 0.54 20.24
CA GLU A 246 15.97 1.35 21.39
C GLU A 246 16.98 0.61 22.27
N VAL A 247 16.84 -0.71 22.40
CA VAL A 247 17.85 -1.47 23.15
C VAL A 247 19.15 -1.51 22.36
N ALA A 248 19.05 -1.65 21.03
CA ALA A 248 20.28 -1.63 20.22
C ALA A 248 21.05 -0.34 20.45
N LEU A 249 20.35 0.79 20.43
CA LEU A 249 21.00 2.09 20.62
C LEU A 249 21.55 2.25 22.03
N HIS A 250 20.79 1.77 23.04
CA HIS A 250 21.26 1.86 24.42
C HIS A 250 22.47 0.96 24.65
N ARG A 251 22.52 -0.19 24.00
CA ARG A 251 23.71 -1.02 24.06
C ARG A 251 24.84 -0.44 23.22
N LEU A 252 24.54 0.36 22.24
CA LEU A 252 25.60 1.06 21.52
C LEU A 252 26.12 2.27 22.29
N GLN A 253 25.52 2.61 23.43
CA GLN A 253 25.87 3.79 24.21
C GLN A 253 25.64 5.07 23.41
N ILE A 254 24.57 5.13 22.63
CA ILE A 254 24.16 6.33 21.90
C ILE A 254 22.99 6.98 22.66
N LYS A 255 23.11 8.27 22.97
CA LYS A 255 22.08 8.96 23.73
C LYS A 255 20.82 9.14 22.88
N MET A 256 19.68 8.73 23.43
CA MET A 256 18.38 8.93 22.79
C MET A 256 17.77 10.17 23.44
N LYS A 257 17.94 11.32 22.79
CA LYS A 257 17.32 12.55 23.29
C LYS A 257 15.81 12.40 23.34
N LEU A 258 15.24 11.79 22.30
CA LEU A 258 13.81 11.68 22.15
C LEU A 258 13.51 10.39 21.40
N VAL A 259 12.46 9.69 21.85
CA VAL A 259 11.91 8.57 21.12
C VAL A 259 10.40 8.80 21.01
N VAL A 260 9.93 9.01 19.79
CA VAL A 260 8.52 8.90 19.46
C VAL A 260 8.29 7.46 19.00
N SER A 261 7.51 6.71 19.74
CA SER A 261 7.25 5.30 19.45
C SER A 261 5.77 5.14 19.10
N VAL A 262 5.49 4.27 18.14
CA VAL A 262 4.13 3.99 17.67
C VAL A 262 3.95 2.48 17.76
N GLU A 263 3.12 2.02 18.70
CA GLU A 263 2.93 0.59 18.98
C GLU A 263 1.50 0.36 19.43
N ILE A 264 0.78 -0.51 18.73
CA ILE A 264 -0.65 -0.63 19.02
C ILE A 264 -0.94 -1.44 20.29
N SER A 265 -0.03 -2.28 20.73
CA SER A 265 -0.27 -3.13 21.88
C SER A 265 0.10 -2.39 23.17
N LYS A 266 -0.82 -2.41 24.14
CA LYS A 266 -0.61 -1.67 25.38
C LYS A 266 0.48 -2.26 26.27
N VAL A 267 0.54 -3.59 26.37
CA VAL A 267 1.59 -4.19 27.20
C VAL A 267 2.95 -4.05 26.56
N ASN A 268 3.04 -4.02 25.23
CA ASN A 268 4.33 -3.69 24.63
C ASN A 268 4.77 -2.29 25.02
N ARG A 269 3.87 -1.30 24.86
CA ARG A 269 4.15 0.07 25.25
C ARG A 269 4.59 0.18 26.71
N ASN A 270 3.98 -0.62 27.60
CA ASN A 270 4.44 -0.62 28.99
C ASN A 270 5.83 -1.19 29.14
N ILE A 271 6.13 -2.30 28.43
CA ILE A 271 7.49 -2.85 28.44
C ILE A 271 8.51 -1.77 28.11
N LEU A 272 8.29 -1.02 27.03
CA LEU A 272 9.23 0.04 26.67
C LEU A 272 9.31 1.14 27.73
N LYS A 273 8.17 1.47 28.35
CA LYS A 273 8.18 2.49 29.41
C LYS A 273 8.94 1.99 30.64
N ASP A 274 8.77 0.71 30.99
CA ASP A 274 9.57 0.14 32.07
C ASP A 274 11.06 0.22 31.75
N PHE A 275 11.44 -0.27 30.56
CA PHE A 275 12.84 -0.19 30.11
C PHE A 275 13.35 1.23 30.15
N TRP A 276 12.50 2.21 29.79
CA TRP A 276 12.88 3.61 29.82
C TRP A 276 13.15 4.09 31.25
N GLU A 277 12.27 3.73 32.19
CA GLU A 277 12.46 4.07 33.59
C GLU A 277 13.54 3.21 34.25
N GLN A 278 13.57 1.91 33.96
CA GLN A 278 14.55 1.08 34.65
C GLN A 278 15.98 1.34 34.15
N THR A 279 16.16 1.88 32.94
CA THR A 279 17.50 2.27 32.50
C THR A 279 17.85 3.70 32.86
N ASN A 280 17.03 4.36 33.68
CA ASN A 280 17.30 5.73 34.16
C ASN A 280 17.67 6.67 32.99
N GLN A 281 16.97 6.47 31.87
CA GLN A 281 17.16 7.28 30.67
C GLN A 281 16.83 8.74 30.96
N THR A 282 17.51 9.66 30.27
CA THR A 282 17.30 11.08 30.50
C THR A 282 16.45 11.76 29.42
N GLY A 283 16.43 11.24 28.21
CA GLY A 283 15.61 11.81 27.17
C GLY A 283 14.14 11.49 27.36
N GLU A 284 13.32 11.97 26.43
CA GLU A 284 11.87 11.87 26.54
C GLU A 284 11.31 10.76 25.67
N LEU A 285 10.35 10.01 26.21
CA LEU A 285 9.67 8.94 25.49
C LEU A 285 8.20 9.31 25.30
N ILE A 286 7.78 9.47 24.05
CA ILE A 286 6.40 9.77 23.69
C ILE A 286 5.83 8.56 22.98
N GLU A 287 4.64 8.13 23.39
CA GLU A 287 4.08 6.87 22.95
C GLU A 287 2.74 7.08 22.29
N PHE A 288 2.65 6.64 21.02
CA PHE A 288 1.42 6.55 20.26
C PHE A 288 1.02 5.08 20.10
N SER A 289 -0.27 4.86 19.84
CA SER A 289 -0.83 3.52 19.63
C SER A 289 -0.97 3.19 18.13
N ASP A 290 -2.13 3.47 17.51
CA ASP A 290 -2.40 3.08 16.13
C ASP A 290 -1.70 3.99 15.14
N ILE A 291 -0.83 3.41 14.30
CA ILE A 291 -0.09 4.22 13.32
C ILE A 291 -1.03 4.83 12.29
N GLN A 292 -2.11 4.13 11.94
CA GLN A 292 -3.09 4.74 11.04
C GLN A 292 -3.72 6.01 11.60
N HIS A 293 -3.57 6.30 12.90
CA HIS A 293 -4.14 7.50 13.49
C HIS A 293 -3.08 8.52 13.86
N LEU A 294 -1.85 8.34 13.41
CA LEU A 294 -0.80 9.33 13.58
C LEU A 294 -0.77 10.24 12.34
N THR A 295 -1.35 11.42 12.45
CA THR A 295 -1.46 12.37 11.35
C THR A 295 -0.15 13.12 11.09
N ASN A 296 -0.01 13.65 9.86
CA ASN A 296 1.18 14.42 9.51
C ASN A 296 1.31 15.67 10.37
N ASP A 297 0.19 16.24 10.83
CA ASP A 297 0.25 17.44 11.64
C ASP A 297 0.97 17.19 12.96
N THR A 298 0.68 16.09 13.66
CA THR A 298 1.41 15.90 14.90
C THR A 298 2.85 15.54 14.64
N ILE A 299 3.14 14.90 13.50
CA ILE A 299 4.53 14.63 13.13
C ILE A 299 5.34 15.93 13.01
N GLU A 300 4.88 16.85 12.16
CA GLU A 300 5.64 18.07 11.97
C GLU A 300 5.59 18.96 13.20
N GLY A 301 4.50 18.90 13.97
CA GLY A 301 4.45 19.57 15.26
C GLY A 301 5.52 19.06 16.22
N LEU A 302 5.77 17.74 16.23
CA LEU A 302 6.85 17.22 17.05
C LEU A 302 8.21 17.54 16.45
N MET A 303 8.30 17.65 15.13
CA MET A 303 9.56 17.99 14.48
C MET A 303 9.93 19.45 14.72
N GLU A 304 8.94 20.37 14.63
CA GLU A 304 9.24 21.77 14.87
C GLU A 304 9.68 22.02 16.31
N LYS A 305 9.30 21.15 17.25
CA LYS A 305 9.59 21.31 18.67
C LYS A 305 10.93 20.71 19.07
N TYR A 306 11.24 19.49 18.63
CA TYR A 306 12.48 18.87 19.09
C TYR A 306 13.59 18.91 18.03
N GLY A 307 13.32 19.46 16.84
CA GLY A 307 14.33 19.59 15.80
C GLY A 307 14.57 18.32 15.02
N GLY A 308 13.52 17.82 14.36
CA GLY A 308 13.65 16.74 13.39
C GLY A 308 13.97 15.37 13.95
N PHE A 309 13.85 14.33 13.13
CA PHE A 309 14.24 12.98 13.51
C PHE A 309 15.46 12.57 12.69
N ASP A 310 16.57 12.31 13.38
CA ASP A 310 17.77 11.78 12.74
C ASP A 310 17.62 10.32 12.30
N LEU A 311 16.73 9.53 12.91
CA LEU A 311 16.61 8.09 12.58
C LEU A 311 15.15 7.64 12.59
N VAL A 312 14.74 6.94 11.52
CA VAL A 312 13.39 6.38 11.42
C VAL A 312 13.52 4.86 11.29
N ILE A 313 13.28 4.14 12.39
CA ILE A 313 13.46 2.68 12.45
C ILE A 313 12.11 1.99 12.69
N GLY A 314 11.96 0.81 12.07
CA GLY A 314 10.74 0.05 12.15
C GLY A 314 10.75 -1.28 11.41
N GLY A 315 9.98 -2.24 11.89
CA GLY A 315 9.72 -3.47 11.16
C GLY A 315 8.22 -3.68 11.04
N SER A 316 7.69 -3.54 9.83
CA SER A 316 6.29 -3.78 9.51
C SER A 316 5.86 -5.18 9.93
N PRO A 317 4.55 -5.43 10.00
CA PRO A 317 4.07 -6.78 10.34
C PRO A 317 4.28 -7.80 9.21
N CYS A 318 4.77 -8.98 9.58
CA CYS A 318 5.04 -10.08 8.65
C CYS A 318 3.92 -11.13 8.62
N ASN A 319 2.78 -10.85 9.24
CA ASN A 319 1.79 -11.88 9.44
C ASN A 319 1.35 -12.48 8.11
N ASN A 320 1.25 -11.66 7.07
CA ASN A 320 0.78 -12.12 5.78
C ASN A 320 1.92 -12.52 4.83
N LEU A 321 3.18 -12.47 5.29
CA LEU A 321 4.31 -12.91 4.50
C LEU A 321 4.94 -14.19 5.04
N ALA A 322 4.80 -14.44 6.34
CA ALA A 322 5.56 -15.50 7.00
C ALA A 322 4.99 -16.86 6.65
N GLY A 323 5.89 -17.81 6.35
CA GLY A 323 5.51 -19.13 5.86
C GLY A 323 4.73 -19.97 6.85
N GLY A 324 4.87 -19.70 8.16
CA GLY A 324 4.09 -20.36 9.18
C GLY A 324 2.59 -20.08 9.10
N ASN A 325 2.20 -19.02 8.41
CA ASN A 325 0.80 -18.66 8.23
C ASN A 325 0.15 -19.53 7.16
N ARG A 326 -0.79 -20.37 7.58
CA ARG A 326 -1.51 -21.26 6.67
C ARG A 326 -2.74 -20.61 6.06
N VAL A 327 -3.25 -19.55 6.67
CA VAL A 327 -4.53 -18.97 6.31
C VAL A 327 -4.37 -17.74 5.44
N SER A 328 -3.52 -16.81 5.85
CA SER A 328 -3.51 -15.51 5.20
C SER A 328 -2.10 -15.14 4.74
N ARG A 329 -1.40 -16.07 4.10
CA ARG A 329 -0.13 -15.71 3.47
C ARG A 329 -0.46 -15.12 2.11
N VAL A 330 -0.82 -13.84 2.12
CA VAL A 330 -1.37 -13.15 0.96
C VAL A 330 -0.43 -12.10 0.42
N GLY A 331 0.69 -11.85 1.08
CA GLY A 331 1.61 -10.80 0.68
C GLY A 331 1.27 -9.46 1.32
N LEU A 332 1.86 -8.41 0.74
CA LEU A 332 1.61 -7.02 1.13
C LEU A 332 0.16 -6.60 0.93
N GLU A 333 -0.62 -7.45 0.29
CA GLU A 333 -2.05 -7.22 0.17
C GLU A 333 -2.83 -7.55 1.44
N GLY A 334 -2.18 -8.11 2.48
CA GLY A 334 -2.93 -8.60 3.63
C GLY A 334 -3.21 -7.53 4.66
N ASP A 335 -4.21 -7.80 5.51
CA ASP A 335 -4.74 -6.76 6.40
C ASP A 335 -3.65 -6.16 7.29
N GLN A 336 -2.62 -6.92 7.65
CA GLN A 336 -1.63 -6.36 8.56
C GLN A 336 -0.35 -5.93 7.87
N SER A 337 0.21 -6.77 6.99
CA SER A 337 1.40 -6.37 6.23
C SER A 337 1.15 -5.21 5.29
N SER A 338 -0.10 -4.93 4.91
CA SER A 338 -0.37 -3.69 4.19
C SER A 338 0.15 -2.47 4.93
N LEU A 339 0.34 -2.56 6.24
CA LEU A 339 0.75 -1.40 7.00
C LEU A 339 2.16 -0.95 6.68
N PHE A 340 2.86 -1.73 5.84
CA PHE A 340 4.13 -1.24 5.28
C PHE A 340 3.99 0.14 4.67
N PHE A 341 2.90 0.41 3.94
CA PHE A 341 2.81 1.70 3.27
C PHE A 341 2.56 2.82 4.25
N GLU A 342 2.07 2.49 5.46
CA GLU A 342 2.02 3.46 6.55
C GLU A 342 3.43 3.90 6.95
N TYR A 343 4.39 2.96 6.97
CA TYR A 343 5.78 3.31 7.22
C TYR A 343 6.30 4.30 6.19
N CYS A 344 6.06 4.02 4.91
CA CYS A 344 6.48 4.97 3.87
C CYS A 344 5.80 6.30 4.02
N ARG A 345 4.51 6.27 4.36
CA ARG A 345 3.79 7.52 4.47
C ARG A 345 4.44 8.45 5.48
N ILE A 346 4.79 7.91 6.65
CA ILE A 346 5.43 8.71 7.70
C ILE A 346 6.79 9.21 7.23
N LEU A 347 7.57 8.33 6.61
CA LEU A 347 8.92 8.71 6.23
C LEU A 347 8.91 9.80 5.16
N GLU A 348 7.88 9.85 4.32
CA GLU A 348 7.80 10.95 3.38
C GLU A 348 7.60 12.29 4.10
N VAL A 349 6.69 12.33 5.10
CA VAL A 349 6.51 13.55 5.89
C VAL A 349 7.82 13.99 6.53
N VAL A 350 8.52 13.05 7.19
CA VAL A 350 9.77 13.46 7.80
C VAL A 350 10.73 13.95 6.71
N ARG A 351 10.79 13.26 5.56
CA ARG A 351 11.70 13.68 4.49
C ARG A 351 11.38 15.10 4.03
N ALA A 352 10.08 15.42 3.89
CA ALA A 352 9.68 16.72 3.35
C ALA A 352 10.20 17.89 4.18
N ARG A 353 10.34 17.73 5.50
CA ARG A 353 10.91 18.77 6.35
C ARG A 353 12.43 18.65 6.52
N MET A 354 13.02 17.45 6.44
CA MET A 354 14.44 17.29 6.65
C MET A 354 15.28 17.53 5.37
N ARG A 355 14.64 17.70 4.21
CA ARG A 355 15.37 18.10 2.99
C ARG A 355 15.67 19.59 2.97
N PRO D 6 -16.47 8.83 10.47
CA PRO D 6 -16.35 8.24 9.13
C PRO D 6 -16.79 9.20 8.00
N ILE D 7 -16.11 9.11 6.85
CA ILE D 7 -16.43 9.96 5.70
C ILE D 7 -17.83 9.61 5.19
N ARG D 8 -18.70 10.62 5.12
CA ARG D 8 -20.04 10.46 4.58
C ARG D 8 -20.15 11.26 3.29
N LEU D 9 -20.66 10.63 2.24
CA LEU D 9 -20.82 11.31 0.96
C LEU D 9 -21.85 12.42 1.10
N PRO D 10 -21.49 13.68 0.82
CA PRO D 10 -22.44 14.78 1.02
C PRO D 10 -23.63 14.71 0.09
N ASN D 11 -24.76 15.21 0.57
CA ASN D 11 -25.99 15.29 -0.21
C ASN D 11 -26.55 16.69 -0.01
N PRO D 12 -26.59 17.53 -1.05
CA PRO D 12 -26.27 17.23 -2.45
C PRO D 12 -24.76 17.07 -2.78
N MET D 13 -24.43 16.11 -3.64
CA MET D 13 -23.04 15.80 -4.00
C MET D 13 -22.58 16.84 -5.01
N ILE D 14 -22.11 17.97 -4.49
CA ILE D 14 -21.78 19.17 -5.24
C ILE D 14 -20.29 19.41 -5.29
N GLY D 15 -19.53 18.77 -4.40
CA GLY D 15 -18.16 19.17 -4.20
C GLY D 15 -18.15 20.59 -3.66
N PHE D 16 -17.27 21.40 -4.23
CA PHE D 16 -17.13 22.80 -3.86
C PHE D 16 -17.94 23.71 -4.78
N GLY D 17 -18.77 23.14 -5.65
CA GLY D 17 -19.49 23.96 -6.60
C GLY D 17 -19.72 23.28 -7.93
N VAL D 18 -20.95 23.37 -8.40
CA VAL D 18 -21.34 22.88 -9.72
C VAL D 18 -21.86 24.08 -10.49
N PRO D 19 -21.68 24.15 -11.81
CA PRO D 19 -22.47 25.11 -12.58
C PRO D 19 -23.93 24.71 -12.57
N ASN D 20 -24.80 25.70 -12.75
CA ASN D 20 -26.23 25.50 -12.85
C ASN D 20 -26.86 25.17 -11.48
N GLU D 21 -26.10 25.26 -10.38
CA GLU D 21 -26.55 24.90 -9.04
C GLU D 21 -25.91 25.81 -7.99
N PRO D 22 -26.60 26.05 -6.86
CA PRO D 22 -25.99 26.83 -5.77
C PRO D 22 -25.20 25.97 -4.81
N GLY D 23 -24.23 26.62 -4.14
CA GLY D 23 -23.33 25.92 -3.24
C GLY D 23 -21.88 26.11 -3.63
N LEU D 24 -21.56 27.25 -4.24
CA LEU D 24 -20.21 27.51 -4.69
C LEU D 24 -19.38 28.08 -3.55
N ILE D 25 -18.22 27.45 -3.31
CA ILE D 25 -17.30 27.87 -2.27
C ILE D 25 -15.91 27.98 -2.86
N THR D 26 -15.47 29.21 -3.18
CA THR D 26 -14.17 29.42 -3.81
C THR D 26 -13.04 29.46 -2.80
N HIS D 27 -13.21 28.83 -1.63
CA HIS D 27 -12.21 28.83 -0.58
C HIS D 27 -12.12 27.45 0.04
N ARG D 28 -10.91 26.89 0.06
CA ARG D 28 -10.64 25.61 0.68
C ARG D 28 -9.46 25.73 1.64
N SER D 29 -9.52 24.95 2.71
CA SER D 29 -8.43 24.86 3.68
C SER D 29 -7.50 23.72 3.30
N LEU D 30 -6.22 24.05 3.06
CA LEU D 30 -5.26 23.10 2.52
C LEU D 30 -3.97 23.08 3.33
N PRO D 31 -3.45 21.91 3.69
CA PRO D 31 -2.22 21.87 4.51
C PRO D 31 -0.96 22.13 3.71
N GLU D 32 -0.06 22.90 4.32
CA GLU D 32 1.20 23.26 3.66
C GLU D 32 1.98 22.05 3.19
N LEU D 33 1.74 20.87 3.78
CA LEU D 33 2.39 19.68 3.25
C LEU D 33 1.91 19.36 1.84
N ALA D 34 0.67 19.74 1.50
CA ALA D 34 0.07 19.38 0.22
C ALA D 34 0.28 20.44 -0.85
N ARG D 35 1.15 21.42 -0.60
CA ARG D 35 1.29 22.53 -1.52
C ARG D 35 2.26 22.15 -2.63
N GLY D 36 1.86 22.41 -3.86
CA GLY D 36 2.71 22.19 -4.99
C GLY D 36 3.76 23.28 -5.09
N PRO D 37 4.56 23.25 -6.15
CA PRO D 37 4.43 22.31 -7.27
C PRO D 37 5.15 21.01 -6.96
N PRO D 38 4.71 19.89 -7.57
CA PRO D 38 3.72 19.82 -8.65
C PRO D 38 2.26 19.92 -8.21
N PHE D 39 1.36 19.92 -9.18
CA PHE D 39 -0.07 19.85 -8.94
C PHE D 39 -0.55 18.46 -9.32
N PHE D 40 -1.40 17.84 -8.48
CA PHE D 40 -1.91 16.52 -8.77
C PHE D 40 -3.43 16.50 -8.73
N TYR D 41 -4.00 15.43 -9.26
CA TYR D 41 -5.45 15.30 -9.38
C TYR D 41 -5.79 13.81 -9.34
N TYR D 42 -6.09 13.30 -8.15
CA TYR D 42 -6.43 11.89 -8.00
C TYR D 42 -7.94 11.68 -8.02
N GLU D 43 -8.36 10.67 -8.79
CA GLU D 43 -9.78 10.35 -8.92
C GLU D 43 -10.02 8.89 -8.57
N ASN D 44 -11.17 8.61 -7.96
CA ASN D 44 -11.68 7.25 -7.87
C ASN D 44 -13.16 7.30 -7.48
N VAL D 45 -13.79 6.13 -7.50
CA VAL D 45 -15.23 6.08 -7.25
C VAL D 45 -15.52 6.30 -5.76
N ALA D 46 -16.72 6.80 -5.46
CA ALA D 46 -17.07 7.27 -4.12
C ALA D 46 -17.76 6.21 -3.30
N LEU D 47 -18.32 5.20 -3.92
CA LEU D 47 -19.00 4.17 -3.17
C LEU D 47 -18.11 2.94 -2.98
N THR D 48 -17.24 3.12 -2.04
CA THR D 48 -16.20 2.19 -1.64
C THR D 48 -16.58 1.50 -0.33
N PRO D 49 -15.89 0.41 0.02
CA PRO D 49 -16.05 -0.14 1.37
C PRO D 49 -15.60 0.85 2.42
N LYS D 50 -15.96 0.59 3.67
CA LYS D 50 -15.58 1.51 4.73
C LYS D 50 -14.06 1.50 4.88
N GLY D 51 -13.51 2.67 5.23
CA GLY D 51 -12.08 2.82 5.45
C GLY D 51 -11.25 3.25 4.25
N VAL D 52 -11.77 3.11 3.04
CA VAL D 52 -10.95 3.30 1.84
C VAL D 52 -10.63 4.77 1.61
N TRP D 53 -11.67 5.61 1.59
CA TRP D 53 -11.44 7.01 1.31
C TRP D 53 -10.70 7.71 2.44
N GLU D 54 -10.69 7.14 3.64
CA GLU D 54 -9.88 7.72 4.71
C GLU D 54 -8.41 7.34 4.57
N THR D 55 -8.06 6.13 4.13
CA THR D 55 -6.64 5.83 3.96
C THR D 55 -6.07 6.52 2.71
N ILE D 56 -6.88 6.65 1.65
CA ILE D 56 -6.45 7.46 0.52
C ILE D 56 -6.16 8.90 0.93
N SER D 57 -7.07 9.50 1.68
CA SER D 57 -6.83 10.88 2.14
C SER D 57 -5.54 10.95 2.94
N ARG D 58 -5.30 9.94 3.77
CA ARG D 58 -4.14 9.97 4.65
C ARG D 58 -2.85 9.84 3.84
N HIS D 59 -2.85 9.05 2.77
CA HIS D 59 -1.66 8.96 1.93
C HIS D 59 -1.53 10.11 0.92
N LEU D 60 -2.56 10.94 0.74
CA LEU D 60 -2.49 12.09 -0.17
C LEU D 60 -2.43 13.41 0.60
N PHE D 61 -1.65 13.47 1.69
CA PHE D 61 -1.35 14.70 2.44
C PHE D 61 -2.56 15.26 3.16
N GLU D 62 -3.53 14.39 3.43
CA GLU D 62 -4.68 14.73 4.26
C GLU D 62 -5.57 15.77 3.60
N ILE D 63 -5.59 15.81 2.27
CA ILE D 63 -6.55 16.62 1.51
C ILE D 63 -7.87 15.86 1.53
N PRO D 64 -8.96 16.49 1.97
CA PRO D 64 -10.24 15.78 1.99
C PRO D 64 -10.87 15.74 0.61
N PRO D 65 -11.51 14.64 0.24
CA PRO D 65 -11.99 14.46 -1.13
C PRO D 65 -13.09 15.43 -1.47
N GLU D 66 -13.08 15.92 -2.71
CA GLU D 66 -14.22 16.66 -3.25
C GLU D 66 -15.08 15.65 -3.98
N PHE D 67 -16.29 15.39 -3.45
CA PHE D 67 -17.19 14.39 -4.01
C PHE D 67 -18.19 15.07 -4.93
N VAL D 68 -18.26 14.61 -6.19
CA VAL D 68 -19.05 15.27 -7.23
C VAL D 68 -19.78 14.20 -8.05
N ASP D 69 -21.08 14.43 -8.30
CA ASP D 69 -21.87 13.53 -9.11
C ASP D 69 -21.96 14.06 -10.54
N SER D 70 -22.01 13.15 -11.49
CA SER D 70 -21.90 13.52 -12.89
C SER D 70 -23.22 13.97 -13.50
N LYS D 71 -24.37 13.71 -12.84
CA LYS D 71 -25.63 14.20 -13.41
C LYS D 71 -25.67 15.72 -13.45
N TYR D 72 -24.82 16.37 -12.67
CA TYR D 72 -24.71 17.82 -12.65
C TYR D 72 -23.85 18.35 -13.80
N PHE D 73 -23.47 17.45 -14.72
CA PHE D 73 -22.68 17.78 -15.90
C PHE D 73 -23.14 17.03 -17.15
N CYS D 74 -24.01 16.03 -17.04
CA CYS D 74 -24.41 15.26 -18.20
C CYS D 74 -25.68 14.47 -17.91
N VAL D 75 -26.08 13.68 -18.91
CA VAL D 75 -27.13 12.69 -18.78
C VAL D 75 -26.87 11.72 -17.63
N ALA D 76 -25.63 11.24 -17.48
CA ALA D 76 -25.36 10.05 -16.69
C ALA D 76 -25.04 10.40 -15.25
N ALA D 77 -25.45 9.52 -14.35
CA ALA D 77 -25.04 9.63 -12.96
C ALA D 77 -23.77 8.82 -12.77
N ARG D 78 -22.72 9.48 -12.29
CA ARG D 78 -21.41 8.86 -12.01
C ARG D 78 -20.91 9.52 -10.72
N LYS D 79 -21.04 8.80 -9.60
CA LYS D 79 -20.69 9.35 -8.28
C LYS D 79 -19.23 9.05 -7.99
N ARG D 80 -18.37 10.05 -8.19
CA ARG D 80 -16.93 9.89 -8.10
C ARG D 80 -16.37 10.90 -7.09
N GLY D 81 -15.25 10.53 -6.46
CA GLY D 81 -14.53 11.41 -5.56
C GLY D 81 -13.18 11.81 -6.13
N TYR D 82 -12.73 13.03 -5.78
CA TYR D 82 -11.51 13.61 -6.34
C TYR D 82 -10.66 14.23 -5.23
N ILE D 83 -9.34 14.07 -5.33
CA ILE D 83 -8.40 14.65 -4.38
C ILE D 83 -7.33 15.42 -5.15
N HIS D 84 -7.22 16.71 -4.86
CA HIS D 84 -6.37 17.58 -5.66
C HIS D 84 -5.87 18.73 -4.81
N ASN D 85 -4.79 19.36 -5.27
CA ASN D 85 -4.23 20.52 -4.61
C ASN D 85 -4.32 21.78 -5.48
N LEU D 86 -5.26 21.80 -6.45
CA LEU D 86 -5.52 22.96 -7.29
C LEU D 86 -6.42 23.96 -6.57
N PRO D 87 -6.36 25.23 -6.97
CA PRO D 87 -7.33 26.22 -6.43
C PRO D 87 -8.70 26.02 -7.06
N ILE D 88 -9.70 26.65 -6.42
CA ILE D 88 -11.09 26.41 -6.82
C ILE D 88 -11.83 27.72 -7.04
N ASN D 89 -11.09 28.81 -7.21
CA ASN D 89 -11.68 30.02 -7.73
C ASN D 89 -11.49 30.07 -9.25
N ASN D 90 -12.36 30.81 -9.93
CA ASN D 90 -12.31 30.99 -11.38
C ASN D 90 -12.40 29.64 -12.10
N ARG D 91 -13.53 28.99 -11.89
CA ARG D 91 -13.84 27.68 -12.46
C ARG D 91 -14.93 27.87 -13.50
N PHE D 92 -14.58 27.75 -14.78
CA PHE D 92 -15.55 27.86 -15.85
C PHE D 92 -15.77 26.48 -16.47
N GLN D 93 -16.99 26.25 -16.97
CA GLN D 93 -17.32 24.94 -17.50
C GLN D 93 -16.98 24.90 -19.00
N ILE D 94 -17.33 23.81 -19.69
CA ILE D 94 -16.90 23.58 -21.05
C ILE D 94 -18.13 23.36 -21.92
N GLN D 95 -18.04 23.85 -23.16
CA GLN D 95 -19.02 23.87 -24.24
C GLN D 95 -18.83 22.66 -25.16
N PRO D 96 -19.90 22.21 -25.85
CA PRO D 96 -21.25 22.75 -25.68
C PRO D 96 -21.96 22.12 -24.48
N PRO D 97 -22.94 22.84 -23.90
CA PRO D 97 -23.67 22.29 -22.75
C PRO D 97 -24.38 21.01 -23.14
N PRO D 98 -24.00 19.88 -22.55
CA PRO D 98 -24.52 18.59 -23.01
C PRO D 98 -26.01 18.45 -22.71
N LYS D 99 -26.57 17.33 -23.16
CA LYS D 99 -27.97 17.05 -22.87
C LYS D 99 -28.09 16.61 -21.41
N TYR D 100 -29.03 17.22 -20.69
CA TYR D 100 -29.20 16.84 -19.29
C TYR D 100 -30.27 15.78 -19.09
N THR D 101 -31.21 15.64 -20.03
CA THR D 101 -32.33 14.74 -19.89
C THR D 101 -32.26 13.62 -20.91
N ILE D 102 -32.80 12.45 -20.52
CA ILE D 102 -33.08 11.40 -21.49
C ILE D 102 -33.87 11.98 -22.68
N HIS D 103 -34.75 12.96 -22.40
CA HIS D 103 -35.53 13.63 -23.45
C HIS D 103 -34.68 14.50 -24.37
N ASP D 104 -33.43 14.80 -24.00
CA ASP D 104 -32.51 15.56 -24.86
C ASP D 104 -31.40 14.70 -25.45
N ALA D 105 -30.86 13.75 -24.69
CA ALA D 105 -29.79 12.89 -25.19
C ALA D 105 -30.29 11.85 -26.16
N PHE D 106 -31.60 11.63 -26.21
CA PHE D 106 -32.19 10.61 -27.09
C PHE D 106 -33.45 11.20 -27.71
N PRO D 107 -33.28 12.10 -28.70
CA PRO D 107 -34.48 12.72 -29.34
C PRO D 107 -35.25 11.75 -30.21
N LEU D 108 -34.63 10.70 -30.73
CA LEU D 108 -35.39 9.68 -31.45
C LEU D 108 -35.98 8.63 -30.52
N SER D 109 -36.26 9.01 -29.26
CA SER D 109 -36.74 8.09 -28.25
C SER D 109 -38.15 8.42 -27.76
N LYS D 110 -38.69 9.59 -28.12
CA LYS D 110 -39.99 9.98 -27.59
C LYS D 110 -41.07 9.01 -27.96
N ARG D 111 -41.01 8.49 -29.17
CA ARG D 111 -42.01 7.56 -29.65
C ARG D 111 -42.16 6.28 -28.83
N TRP D 112 -41.08 5.78 -28.23
CA TRP D 112 -41.19 4.40 -27.80
C TRP D 112 -41.09 4.19 -26.31
N TRP D 113 -40.47 5.09 -25.56
CA TRP D 113 -40.46 4.91 -24.11
C TRP D 113 -41.88 5.06 -23.56
N PRO D 114 -42.37 4.09 -22.81
CA PRO D 114 -43.70 4.21 -22.22
C PRO D 114 -43.78 5.40 -21.27
N GLU D 115 -45.02 5.73 -20.92
CA GLU D 115 -45.26 6.76 -19.92
C GLU D 115 -45.06 6.24 -18.50
N TRP D 116 -45.07 4.91 -18.32
CA TRP D 116 -44.79 4.30 -17.01
C TRP D 116 -43.28 4.06 -16.85
N ASP D 117 -42.47 5.02 -17.25
CA ASP D 117 -41.08 4.97 -16.80
C ASP D 117 -40.57 6.41 -16.64
N LYS D 118 -40.71 6.93 -15.41
CA LYS D 118 -40.26 8.24 -14.94
C LYS D 118 -38.77 8.40 -14.98
N ARG D 119 -38.05 7.51 -15.66
CA ARG D 119 -36.60 7.59 -15.77
C ARG D 119 -36.24 8.84 -16.56
N THR D 120 -35.67 9.83 -15.87
CA THR D 120 -35.20 11.04 -16.53
C THR D 120 -33.69 11.04 -16.68
N LYS D 121 -32.99 10.27 -15.84
CA LYS D 121 -31.55 10.10 -15.96
C LYS D 121 -31.19 8.64 -15.71
N LEU D 122 -30.16 8.17 -16.42
CA LEU D 122 -29.74 6.78 -16.38
C LEU D 122 -28.76 6.57 -15.22
N ASN D 123 -28.42 5.30 -14.99
CA ASN D 123 -27.45 4.89 -14.00
C ASN D 123 -26.06 4.83 -14.63
N CYS D 124 -25.05 4.56 -13.80
CA CYS D 124 -23.68 4.78 -14.22
C CYS D 124 -23.26 3.77 -15.28
N ILE D 125 -22.37 4.23 -16.16
CA ILE D 125 -21.88 3.41 -17.27
C ILE D 125 -20.84 2.41 -16.77
N LEU D 126 -21.16 1.13 -16.89
CA LEU D 126 -20.35 0.01 -16.43
C LEU D 126 -19.70 -0.70 -17.61
N THR D 127 -18.77 -1.60 -17.31
CA THR D 127 -18.09 -2.37 -18.35
C THR D 127 -19.01 -3.44 -18.94
N CYS D 128 -19.73 -4.18 -18.09
CA CYS D 128 -20.69 -5.19 -18.55
C CYS D 128 -22.01 -4.52 -18.94
N THR D 129 -22.52 -4.86 -20.13
CA THR D 129 -23.70 -4.17 -20.66
C THR D 129 -24.71 -5.17 -21.23
N GLY D 130 -25.87 -4.64 -21.63
CA GLY D 130 -27.05 -5.47 -21.84
C GLY D 130 -26.85 -6.60 -22.83
N SER D 131 -27.55 -7.70 -22.56
CA SER D 131 -27.43 -8.94 -23.32
C SER D 131 -28.60 -9.10 -24.29
N ALA D 132 -28.35 -9.89 -25.33
CA ALA D 132 -29.38 -10.17 -26.33
C ALA D 132 -30.40 -11.20 -25.82
N GLN D 133 -29.99 -12.07 -24.90
CA GLN D 133 -30.90 -13.06 -24.34
C GLN D 133 -31.73 -12.52 -23.19
N LEU D 134 -31.35 -11.37 -22.63
CA LEU D 134 -32.23 -10.63 -21.74
C LEU D 134 -33.09 -9.63 -22.50
N THR D 135 -32.55 -9.03 -23.56
CA THR D 135 -33.26 -7.98 -24.29
C THR D 135 -34.43 -8.52 -25.11
N ASN D 136 -34.57 -9.83 -25.25
CA ASN D 136 -35.82 -10.39 -25.77
C ASN D 136 -36.57 -11.17 -24.70
N ARG D 137 -35.91 -11.49 -23.60
CA ARG D 137 -36.65 -11.92 -22.41
C ARG D 137 -37.53 -10.79 -21.86
N ILE D 138 -37.26 -9.56 -22.30
CA ILE D 138 -38.21 -8.48 -22.09
C ILE D 138 -39.30 -8.51 -23.18
N ARG D 139 -39.03 -9.01 -24.40
CA ARG D 139 -40.13 -9.03 -25.37
C ARG D 139 -41.12 -10.14 -25.06
N VAL D 140 -40.65 -11.33 -24.66
CA VAL D 140 -41.57 -12.42 -24.38
C VAL D 140 -42.58 -12.02 -23.27
N ALA D 141 -42.15 -11.16 -22.34
CA ALA D 141 -42.98 -10.78 -21.20
C ALA D 141 -43.90 -9.61 -21.50
N LEU D 142 -43.65 -8.87 -22.58
CA LEU D 142 -44.42 -7.68 -22.94
C LEU D 142 -45.36 -7.87 -24.12
N GLU D 143 -44.97 -8.70 -25.09
CA GLU D 143 -45.76 -8.82 -26.32
C GLU D 143 -47.19 -9.32 -26.10
N PRO D 144 -47.47 -10.31 -25.25
CA PRO D 144 -48.89 -10.65 -24.99
C PRO D 144 -49.71 -9.50 -24.42
N TYR D 145 -49.23 -8.87 -23.35
CA TYR D 145 -49.91 -7.76 -22.70
C TYR D 145 -49.67 -6.40 -23.36
N ASN D 146 -49.25 -6.37 -24.64
CA ASN D 146 -48.96 -5.11 -25.30
C ASN D 146 -50.22 -4.37 -25.70
N GLU D 147 -51.26 -5.10 -26.14
CA GLU D 147 -52.52 -4.47 -26.54
C GLU D 147 -53.21 -3.76 -25.38
N GLU D 148 -52.86 -4.11 -24.10
CA GLU D 148 -53.26 -3.31 -22.96
C GLU D 148 -52.11 -2.37 -22.57
N PRO D 149 -52.43 -1.17 -22.07
CA PRO D 149 -51.38 -0.17 -21.83
C PRO D 149 -50.34 -0.59 -20.80
N GLU D 150 -50.78 -0.83 -19.56
CA GLU D 150 -49.87 -1.23 -18.49
C GLU D 150 -50.07 -2.70 -18.16
N PRO D 151 -49.13 -3.57 -18.54
CA PRO D 151 -49.24 -5.01 -18.21
C PRO D 151 -49.28 -5.22 -16.70
N PRO D 152 -49.44 -6.48 -16.25
CA PRO D 152 -49.44 -6.74 -14.80
C PRO D 152 -48.27 -6.06 -14.09
N LYS D 153 -48.58 -5.48 -12.91
CA LYS D 153 -47.57 -4.72 -12.17
C LYS D 153 -46.42 -5.57 -11.69
N HIS D 154 -46.56 -6.90 -11.69
CA HIS D 154 -45.43 -7.78 -11.43
C HIS D 154 -44.60 -7.98 -12.70
N VAL D 155 -45.25 -7.94 -13.87
CA VAL D 155 -44.52 -7.92 -15.14
C VAL D 155 -43.89 -6.54 -15.35
N GLN D 156 -44.64 -5.47 -15.05
CA GLN D 156 -44.10 -4.11 -15.01
C GLN D 156 -42.98 -3.99 -13.99
N ARG D 157 -43.02 -4.80 -12.94
CA ARG D 157 -41.96 -4.89 -11.94
C ARG D 157 -40.68 -5.45 -12.55
N TYR D 158 -40.75 -6.69 -13.06
CA TYR D 158 -39.55 -7.48 -13.33
C TYR D 158 -38.58 -6.78 -14.29
N VAL D 159 -39.10 -5.99 -15.26
CA VAL D 159 -38.21 -5.34 -16.24
C VAL D 159 -37.60 -4.06 -15.69
N ILE D 160 -38.42 -3.21 -15.04
CA ILE D 160 -37.80 -2.01 -14.53
C ILE D 160 -36.62 -2.35 -13.64
N ASP D 161 -36.69 -3.50 -12.96
CA ASP D 161 -35.52 -4.04 -12.29
C ASP D 161 -34.36 -4.25 -13.25
N GLN D 162 -34.64 -4.84 -14.42
CA GLN D 162 -33.58 -5.08 -15.40
C GLN D 162 -33.16 -3.80 -16.12
N CYS D 163 -34.03 -2.79 -16.17
CA CYS D 163 -33.74 -1.59 -16.94
C CYS D 163 -32.78 -0.67 -16.19
N LYS D 164 -33.12 -0.32 -14.95
CA LYS D 164 -32.23 0.50 -14.13
C LYS D 164 -30.93 -0.22 -13.79
N LYS D 165 -30.92 -1.55 -13.84
CA LYS D 165 -29.71 -2.33 -13.59
C LYS D 165 -28.74 -2.28 -14.77
N TRP D 166 -29.21 -2.63 -15.97
CA TRP D 166 -28.34 -2.73 -17.14
C TRP D 166 -28.39 -1.50 -18.02
N ASN D 167 -29.05 -0.42 -17.58
CA ASN D 167 -29.15 0.85 -18.32
C ASN D 167 -29.64 0.62 -19.75
N LEU D 168 -30.85 0.08 -19.82
CA LEU D 168 -31.50 -0.12 -21.10
C LEU D 168 -32.28 1.14 -21.48
N VAL D 169 -32.47 1.33 -22.79
CA VAL D 169 -33.35 2.37 -23.29
C VAL D 169 -34.23 1.79 -24.40
N TRP D 170 -35.36 2.47 -24.61
CA TRP D 170 -36.37 2.08 -25.59
C TRP D 170 -36.05 2.72 -26.95
N VAL D 171 -35.76 1.85 -27.93
CA VAL D 171 -35.48 2.24 -29.30
C VAL D 171 -36.26 1.37 -30.30
N GLY D 172 -37.32 0.72 -29.84
CA GLY D 172 -38.28 0.01 -30.67
C GLY D 172 -39.64 -0.12 -30.00
N LYS D 173 -40.57 -0.87 -30.61
CA LYS D 173 -41.89 -1.10 -30.04
C LYS D 173 -41.77 -2.12 -28.91
N ASN D 174 -41.72 -1.64 -27.67
CA ASN D 174 -41.39 -2.42 -26.48
C ASN D 174 -40.06 -3.18 -26.68
N LYS D 175 -39.03 -2.43 -27.09
CA LYS D 175 -37.70 -2.97 -27.34
C LYS D 175 -36.73 -2.37 -26.32
N ALA D 176 -36.20 -3.22 -25.45
CA ALA D 176 -35.34 -2.79 -24.33
C ALA D 176 -33.91 -3.24 -24.60
N ALA D 177 -33.12 -2.36 -25.22
CA ALA D 177 -31.72 -2.66 -25.52
C ALA D 177 -30.79 -1.63 -24.90
N PRO D 178 -29.52 -2.01 -24.59
CA PRO D 178 -28.59 -1.07 -23.95
C PRO D 178 -28.05 -0.03 -24.91
N LEU D 179 -27.23 0.89 -24.42
CA LEU D 179 -26.68 1.94 -25.27
C LEU D 179 -25.62 1.36 -26.22
N GLU D 180 -25.32 2.13 -27.32
CA GLU D 180 -24.23 1.57 -28.10
C GLU D 180 -22.96 2.41 -27.93
N PRO D 181 -21.77 1.79 -28.11
CA PRO D 181 -20.52 2.47 -27.71
C PRO D 181 -20.42 3.93 -28.14
N ASP D 182 -20.79 4.23 -29.39
CA ASP D 182 -20.81 5.63 -29.81
C ASP D 182 -21.66 6.49 -28.88
N GLU D 183 -22.65 5.90 -28.20
CA GLU D 183 -23.55 6.71 -27.36
C GLU D 183 -22.94 6.98 -25.97
N MET D 184 -22.11 6.08 -25.45
CA MET D 184 -21.48 6.37 -24.15
C MET D 184 -20.22 7.21 -24.30
N GLU D 185 -19.59 7.15 -25.46
CA GLU D 185 -18.61 8.18 -25.75
C GLU D 185 -19.24 9.58 -25.73
N SER D 186 -20.46 9.67 -26.26
CA SER D 186 -21.13 10.96 -26.33
C SER D 186 -21.31 11.54 -24.92
N ILE D 187 -21.77 10.70 -23.98
CA ILE D 187 -22.15 11.17 -22.65
C ILE D 187 -20.92 11.53 -21.84
N LEU D 188 -19.90 10.65 -21.86
CA LEU D 188 -18.70 10.86 -21.06
C LEU D 188 -17.93 12.09 -21.51
N GLY D 189 -18.20 12.59 -22.70
CA GLY D 189 -17.50 13.74 -23.23
C GLY D 189 -16.41 13.38 -24.22
N PHE D 190 -16.58 12.28 -24.98
CA PHE D 190 -15.52 11.91 -25.92
C PHE D 190 -15.95 12.03 -27.38
N PRO D 191 -15.04 12.44 -28.26
CA PRO D 191 -15.41 12.57 -29.68
C PRO D 191 -15.76 11.22 -30.30
N LYS D 192 -16.45 11.27 -31.45
CA LYS D 192 -17.06 10.09 -32.03
C LYS D 192 -16.01 9.09 -32.50
N ASN D 193 -16.28 7.80 -32.27
CA ASN D 193 -15.39 6.70 -32.66
C ASN D 193 -14.01 6.84 -32.01
N HIS D 194 -14.00 7.39 -30.80
CA HIS D 194 -12.77 7.47 -30.02
C HIS D 194 -12.23 6.10 -29.61
N THR D 195 -13.09 5.06 -29.62
CA THR D 195 -12.72 3.73 -29.16
C THR D 195 -12.82 2.68 -30.27
N ARG D 196 -13.19 3.05 -31.49
CA ARG D 196 -13.16 2.05 -32.57
C ARG D 196 -11.74 1.61 -32.86
N GLY D 197 -10.77 2.52 -32.69
CA GLY D 197 -9.33 2.26 -32.77
C GLY D 197 -8.84 0.97 -32.16
N GLY D 198 -8.96 -0.11 -32.93
CA GLY D 198 -8.20 -1.30 -32.56
C GLY D 198 -8.95 -2.54 -32.96
N GLY D 199 -9.90 -2.43 -33.93
CA GLY D 199 -10.92 -3.43 -34.17
C GLY D 199 -11.49 -3.92 -32.85
N MET D 200 -11.38 -3.10 -31.81
CA MET D 200 -11.62 -3.51 -30.43
C MET D 200 -12.97 -4.17 -30.28
N SER D 201 -12.95 -5.34 -29.62
CA SER D 201 -14.15 -6.12 -29.32
C SER D 201 -15.29 -5.23 -28.80
N ARG D 202 -16.54 -5.64 -29.07
CA ARG D 202 -17.68 -5.03 -28.39
C ARG D 202 -17.41 -4.95 -26.87
N THR D 203 -17.02 -6.10 -26.28
CA THR D 203 -16.78 -6.19 -24.84
C THR D 203 -15.72 -5.20 -24.41
N GLU D 204 -14.70 -4.97 -25.25
CA GLU D 204 -13.55 -4.17 -24.83
C GLU D 204 -13.77 -2.68 -25.00
N ARG D 205 -14.61 -2.27 -25.95
CA ARG D 205 -14.95 -0.85 -26.03
C ARG D 205 -15.71 -0.40 -24.79
N PHE D 206 -16.71 -1.19 -24.37
CA PHE D 206 -17.43 -0.88 -23.13
C PHE D 206 -16.48 -0.89 -21.95
N LYS D 207 -15.65 -1.93 -21.84
CA LYS D 207 -14.71 -2.00 -20.74
C LYS D 207 -13.82 -0.76 -20.69
N SER D 208 -13.26 -0.39 -21.84
CA SER D 208 -12.42 0.81 -21.91
C SER D 208 -13.24 2.08 -21.66
N LEU D 209 -14.52 2.07 -22.06
CA LEU D 209 -15.40 3.18 -21.74
C LEU D 209 -16.01 3.09 -20.33
N GLY D 210 -16.11 1.90 -19.74
CA GLY D 210 -16.54 1.80 -18.36
C GLY D 210 -15.54 2.49 -17.44
N ASN D 211 -14.32 1.93 -17.36
CA ASN D 211 -13.21 2.56 -16.62
C ASN D 211 -12.79 3.80 -17.39
N SER D 212 -13.47 4.92 -17.12
CA SER D 212 -13.16 6.15 -17.87
C SER D 212 -13.71 7.33 -17.08
N PHE D 213 -13.18 8.51 -17.40
CA PHE D 213 -13.59 9.76 -16.80
C PHE D 213 -14.85 10.30 -17.48
N GLN D 214 -15.48 11.25 -16.82
CA GLN D 214 -16.44 12.11 -17.49
C GLN D 214 -15.70 13.40 -17.80
N VAL D 215 -15.57 13.66 -19.10
CA VAL D 215 -14.65 14.68 -19.59
C VAL D 215 -15.10 16.06 -19.12
N ASP D 216 -16.42 16.31 -19.13
CA ASP D 216 -16.93 17.60 -18.67
C ASP D 216 -16.51 17.89 -17.23
N THR D 217 -16.77 16.94 -16.31
CA THR D 217 -16.49 17.18 -14.89
C THR D 217 -15.01 17.32 -14.62
N VAL D 218 -14.20 16.43 -15.19
CA VAL D 218 -12.76 16.55 -15.04
C VAL D 218 -12.27 17.88 -15.63
N ALA D 219 -12.91 18.35 -16.70
CA ALA D 219 -12.50 19.59 -17.34
C ALA D 219 -12.88 20.80 -16.49
N TYR D 220 -14.07 20.78 -15.89
CA TYR D 220 -14.48 21.88 -15.02
C TYR D 220 -13.56 22.01 -13.80
N HIS D 221 -13.03 20.90 -13.28
CA HIS D 221 -12.08 21.02 -12.19
C HIS D 221 -10.73 21.52 -12.69
N LEU D 222 -10.30 21.04 -13.85
CA LEU D 222 -9.03 21.45 -14.44
C LEU D 222 -9.07 22.83 -15.08
N SER D 223 -10.21 23.52 -15.04
CA SER D 223 -10.40 24.73 -15.83
C SER D 223 -9.44 25.83 -15.42
N VAL D 224 -9.12 25.92 -14.13
CA VAL D 224 -8.32 26.98 -13.54
C VAL D 224 -6.83 26.75 -13.84
N LEU D 225 -6.54 25.84 -14.76
CA LEU D 225 -5.16 25.64 -15.20
C LEU D 225 -4.74 26.56 -16.35
N LYS D 226 -5.67 27.03 -17.20
CA LYS D 226 -5.25 27.86 -18.32
C LYS D 226 -4.73 29.23 -17.88
N PRO D 227 -5.49 30.05 -17.08
CA PRO D 227 -5.00 31.39 -16.72
C PRO D 227 -3.69 31.43 -15.95
N ILE D 228 -3.07 30.26 -15.74
CA ILE D 228 -1.80 30.14 -15.03
C ILE D 228 -0.72 29.45 -15.85
N PHE D 229 -1.06 28.68 -16.89
CA PHE D 229 -0.08 27.99 -17.74
C PHE D 229 -0.33 28.38 -19.19
N PRO D 230 0.16 29.54 -19.63
CA PRO D 230 -0.08 29.97 -21.01
C PRO D 230 0.64 29.10 -22.02
N HIS D 231 1.97 28.95 -21.85
CA HIS D 231 2.82 28.27 -22.81
C HIS D 231 2.74 26.77 -22.72
N GLY D 232 1.76 26.21 -22.02
CA GLY D 232 1.63 24.78 -21.96
C GLY D 232 2.16 24.19 -20.67
N ILE D 233 2.10 22.86 -20.60
CA ILE D 233 2.45 22.14 -19.38
C ILE D 233 3.11 20.81 -19.74
N ASN D 234 3.92 20.32 -18.81
CA ASN D 234 4.45 18.97 -18.86
C ASN D 234 3.61 18.14 -17.90
N VAL D 235 2.87 17.20 -18.45
CA VAL D 235 1.90 16.43 -17.67
C VAL D 235 2.41 15.01 -17.51
N LEU D 236 2.29 14.48 -16.29
CA LEU D 236 2.52 13.06 -16.01
C LEU D 236 1.16 12.45 -15.69
N SER D 237 0.69 11.57 -16.56
CA SER D 237 -0.62 10.98 -16.40
C SER D 237 -0.44 9.49 -16.18
N LEU D 238 -0.94 9.03 -15.03
CA LEU D 238 -0.83 7.64 -14.61
C LEU D 238 -2.18 6.97 -14.78
N PHE D 239 -2.19 5.69 -15.16
CA PHE D 239 -3.43 4.97 -15.49
C PHE D 239 -4.30 5.82 -16.43
N THR D 240 -3.79 6.00 -17.64
CA THR D 240 -4.40 6.97 -18.57
C THR D 240 -5.68 6.44 -19.20
N GLY D 241 -5.76 5.13 -19.46
CA GLY D 241 -6.93 4.62 -20.14
C GLY D 241 -7.10 5.23 -21.52
N ILE D 242 -8.34 5.57 -21.85
CA ILE D 242 -8.65 6.10 -23.16
C ILE D 242 -8.43 7.61 -23.14
N GLY D 243 -7.58 8.07 -22.22
CA GLY D 243 -7.17 9.46 -22.18
C GLY D 243 -8.24 10.47 -21.80
N GLY D 244 -8.92 10.23 -20.67
CA GLY D 244 -9.92 11.17 -20.21
C GLY D 244 -9.36 12.55 -19.92
N GLY D 245 -8.27 12.60 -19.15
CA GLY D 245 -7.75 13.88 -18.67
C GLY D 245 -7.09 14.73 -19.73
N GLU D 246 -6.61 14.12 -20.82
CA GLU D 246 -5.99 14.90 -21.89
C GLU D 246 -7.00 15.38 -22.92
N VAL D 247 -7.99 14.56 -23.26
CA VAL D 247 -9.12 15.12 -24.00
C VAL D 247 -9.76 16.27 -23.24
N ALA D 248 -10.02 16.05 -21.95
CA ALA D 248 -10.45 17.12 -21.08
C ALA D 248 -9.51 18.31 -21.17
N LEU D 249 -8.20 18.06 -21.05
CA LEU D 249 -7.24 19.14 -21.20
C LEU D 249 -7.37 19.79 -22.58
N HIS D 250 -7.54 18.98 -23.61
CA HIS D 250 -7.61 19.51 -24.96
C HIS D 250 -8.82 20.42 -25.12
N ARG D 251 -10.02 19.91 -24.78
CA ARG D 251 -11.26 20.69 -24.87
C ARG D 251 -11.24 21.92 -23.96
N LEU D 252 -10.09 22.21 -23.34
CA LEU D 252 -9.82 23.48 -22.69
C LEU D 252 -8.88 24.35 -23.51
N GLN D 253 -8.48 23.90 -24.70
CA GLN D 253 -7.32 24.38 -25.45
C GLN D 253 -6.20 24.84 -24.51
N ILE D 254 -5.70 23.86 -23.75
CA ILE D 254 -4.51 24.04 -22.93
C ILE D 254 -3.36 23.30 -23.61
N LYS D 255 -2.28 24.02 -23.90
CA LYS D 255 -1.16 23.38 -24.58
C LYS D 255 -0.51 22.38 -23.65
N MET D 256 -0.15 21.23 -24.22
CA MET D 256 0.52 20.18 -23.49
C MET D 256 1.83 19.93 -24.24
N LYS D 257 2.90 20.57 -23.76
CA LYS D 257 4.22 20.30 -24.32
C LYS D 257 4.58 18.82 -24.20
N LEU D 258 4.46 18.26 -23.00
CA LEU D 258 4.87 16.89 -22.71
C LEU D 258 3.72 16.11 -22.07
N VAL D 259 3.48 14.91 -22.57
CA VAL D 259 2.54 14.00 -21.97
C VAL D 259 3.28 12.69 -21.82
N VAL D 260 3.59 12.32 -20.57
CA VAL D 260 4.16 11.03 -20.25
C VAL D 260 3.03 10.17 -19.69
N SER D 261 2.69 9.10 -20.41
CA SER D 261 1.52 8.30 -20.10
C SER D 261 1.93 6.89 -19.71
N VAL D 262 1.27 6.37 -18.65
CA VAL D 262 1.46 4.99 -18.20
C VAL D 262 0.10 4.29 -18.30
N GLU D 263 0.07 3.13 -18.97
CA GLU D 263 -1.16 2.38 -19.20
C GLU D 263 -0.81 0.98 -19.69
N ILE D 264 -1.43 -0.04 -19.08
CA ILE D 264 -1.02 -1.43 -19.24
C ILE D 264 -1.55 -2.08 -20.52
N SER D 265 -2.70 -1.64 -21.01
CA SER D 265 -3.38 -2.28 -22.12
C SER D 265 -2.96 -1.64 -23.44
N LYS D 266 -2.50 -2.49 -24.38
CA LYS D 266 -2.06 -1.96 -25.66
C LYS D 266 -3.16 -1.20 -26.38
N VAL D 267 -4.40 -1.69 -26.34
CA VAL D 267 -5.43 -1.05 -27.15
C VAL D 267 -5.68 0.37 -26.66
N ASN D 268 -5.62 0.60 -25.34
CA ASN D 268 -5.77 1.95 -24.85
C ASN D 268 -4.57 2.81 -25.24
N ARG D 269 -3.37 2.22 -25.28
CA ARG D 269 -2.20 2.96 -25.75
C ARG D 269 -2.40 3.43 -27.18
N ASN D 270 -2.94 2.56 -28.06
CA ASN D 270 -3.20 2.95 -29.44
C ASN D 270 -4.29 4.01 -29.54
N ILE D 271 -5.30 3.94 -28.68
CA ILE D 271 -6.37 4.92 -28.71
C ILE D 271 -5.82 6.31 -28.39
N LEU D 272 -4.99 6.42 -27.35
CA LEU D 272 -4.34 7.69 -27.07
C LEU D 272 -3.38 8.11 -28.18
N LYS D 273 -2.91 7.16 -28.99
CA LYS D 273 -2.07 7.50 -30.13
C LYS D 273 -2.92 8.04 -31.29
N ASP D 274 -4.07 7.41 -31.57
CA ASP D 274 -5.08 8.02 -32.47
C ASP D 274 -5.40 9.45 -32.13
N PHE D 275 -5.87 9.69 -30.89
CA PHE D 275 -6.20 11.07 -30.46
C PHE D 275 -5.05 12.07 -30.61
N TRP D 276 -3.83 11.60 -30.34
CA TRP D 276 -2.67 12.44 -30.59
C TRP D 276 -2.51 12.72 -32.08
N GLU D 277 -2.77 11.73 -32.92
CA GLU D 277 -2.58 11.94 -34.36
C GLU D 277 -3.76 12.69 -34.97
N GLN D 278 -4.98 12.23 -34.71
CA GLN D 278 -6.17 12.80 -35.35
C GLN D 278 -6.47 14.21 -34.85
N THR D 279 -5.53 14.83 -34.10
CA THR D 279 -5.63 16.26 -33.82
C THR D 279 -4.33 17.05 -33.98
N ASN D 280 -3.35 16.55 -34.75
CA ASN D 280 -2.09 17.28 -35.02
C ASN D 280 -1.52 17.93 -33.77
N GLN D 281 -1.50 17.17 -32.67
CA GLN D 281 -0.95 17.70 -31.43
C GLN D 281 0.53 18.02 -31.64
N THR D 282 0.92 19.20 -31.16
CA THR D 282 2.28 19.69 -31.25
C THR D 282 3.23 18.97 -30.31
N GLY D 283 2.76 18.61 -29.10
CA GLY D 283 3.64 18.14 -28.04
C GLY D 283 4.27 16.78 -28.30
N GLU D 284 5.10 16.35 -27.33
CA GLU D 284 5.71 15.02 -27.36
C GLU D 284 4.94 14.07 -26.46
N LEU D 285 4.60 12.90 -26.99
CA LEU D 285 3.83 11.88 -26.28
C LEU D 285 4.70 10.65 -26.07
N ILE D 286 5.00 10.38 -24.80
CA ILE D 286 5.78 9.21 -24.38
C ILE D 286 4.85 8.27 -23.64
N GLU D 287 4.79 7.01 -24.10
CA GLU D 287 3.87 6.01 -23.56
C GLU D 287 4.62 4.87 -22.91
N PHE D 288 4.18 4.48 -21.71
CA PHE D 288 4.71 3.35 -20.98
C PHE D 288 3.59 2.37 -20.66
N SER D 289 3.99 1.20 -20.17
CA SER D 289 3.07 0.09 -19.94
C SER D 289 2.72 -0.10 -18.46
N ASP D 290 3.56 -0.86 -17.73
CA ASP D 290 3.30 -1.24 -16.35
C ASP D 290 3.86 -0.18 -15.41
N ILE D 291 2.95 0.47 -14.66
CA ILE D 291 3.35 1.44 -13.64
C ILE D 291 4.31 0.83 -12.62
N GLN D 292 4.18 -0.46 -12.34
CA GLN D 292 5.08 -1.07 -11.36
C GLN D 292 6.52 -1.11 -11.86
N HIS D 293 6.74 -1.17 -13.17
CA HIS D 293 8.09 -1.24 -13.71
C HIS D 293 8.61 0.09 -14.19
N LEU D 294 7.88 1.17 -13.93
CA LEU D 294 8.32 2.52 -14.25
C LEU D 294 9.31 2.99 -13.19
N THR D 295 10.57 3.09 -13.54
CA THR D 295 11.62 3.31 -12.57
C THR D 295 11.69 4.76 -12.12
N ASN D 296 12.13 4.97 -10.87
CA ASN D 296 12.44 6.32 -10.42
C ASN D 296 13.50 6.97 -11.29
N ASP D 297 14.47 6.20 -11.77
CA ASP D 297 15.55 6.80 -12.56
C ASP D 297 15.02 7.41 -13.83
N THR D 298 14.09 6.75 -14.52
CA THR D 298 13.61 7.31 -15.79
C THR D 298 12.70 8.53 -15.56
N ILE D 299 11.93 8.55 -14.46
CA ILE D 299 11.22 9.79 -14.11
C ILE D 299 12.19 10.93 -13.86
N GLU D 300 13.25 10.65 -13.10
CA GLU D 300 14.29 11.65 -12.90
C GLU D 300 14.90 12.09 -14.23
N GLY D 301 15.08 11.15 -15.17
CA GLY D 301 15.62 11.52 -16.48
C GLY D 301 14.69 12.41 -17.28
N LEU D 302 13.38 12.11 -17.27
CA LEU D 302 12.44 12.92 -18.03
C LEU D 302 12.30 14.32 -17.47
N MET D 303 12.64 14.52 -16.20
CA MET D 303 12.65 15.88 -15.62
C MET D 303 13.84 16.68 -16.07
N GLU D 304 15.03 16.13 -15.95
CA GLU D 304 16.18 16.93 -16.36
C GLU D 304 16.11 17.38 -17.82
N LYS D 305 15.43 16.61 -18.67
CA LYS D 305 15.32 16.96 -20.09
C LYS D 305 14.19 17.95 -20.35
N TYR D 306 12.97 17.59 -19.97
CA TYR D 306 11.83 18.44 -20.29
C TYR D 306 11.51 19.44 -19.19
N GLY D 307 12.36 19.55 -18.18
CA GLY D 307 12.20 20.56 -17.15
C GLY D 307 10.93 20.42 -16.33
N GLY D 308 10.93 19.47 -15.38
CA GLY D 308 9.85 19.30 -14.41
C GLY D 308 8.48 18.91 -14.93
N PHE D 309 7.61 18.42 -14.04
CA PHE D 309 6.21 18.14 -14.35
C PHE D 309 5.30 19.13 -13.63
N ASP D 310 4.43 19.78 -14.39
CA ASP D 310 3.49 20.75 -13.80
C ASP D 310 2.26 20.09 -13.21
N LEU D 311 1.89 18.92 -13.72
CA LEU D 311 0.63 18.29 -13.34
C LEU D 311 0.80 16.77 -13.38
N VAL D 312 0.20 16.09 -12.40
CA VAL D 312 0.25 14.63 -12.25
C VAL D 312 -1.18 14.16 -12.04
N ILE D 313 -1.76 13.48 -13.03
CA ILE D 313 -3.19 13.19 -13.02
C ILE D 313 -3.44 11.73 -13.41
N GLY D 314 -4.45 11.13 -12.78
CA GLY D 314 -4.90 9.81 -13.13
C GLY D 314 -5.65 9.20 -11.99
N GLY D 315 -6.38 8.13 -12.30
CA GLY D 315 -7.10 7.42 -11.27
C GLY D 315 -6.71 5.96 -11.16
N SER D 316 -6.39 5.49 -9.95
CA SER D 316 -6.11 4.08 -9.73
C SER D 316 -7.32 3.22 -10.12
N PRO D 317 -7.11 1.92 -10.28
CA PRO D 317 -8.23 1.01 -10.57
C PRO D 317 -9.24 0.98 -9.43
N CYS D 318 -10.46 0.54 -9.76
CA CYS D 318 -11.56 0.43 -8.82
C CYS D 318 -12.17 -0.97 -8.77
N ASN D 319 -11.49 -1.99 -9.30
CA ASN D 319 -12.10 -3.31 -9.41
C ASN D 319 -12.44 -3.88 -8.04
N ASN D 320 -11.48 -3.83 -7.11
CA ASN D 320 -11.61 -4.46 -5.81
C ASN D 320 -12.46 -3.66 -4.83
N LEU D 321 -13.15 -2.63 -5.29
CA LEU D 321 -14.00 -1.86 -4.40
C LEU D 321 -15.26 -1.33 -5.08
N ALA D 322 -15.57 -1.76 -6.30
CA ALA D 322 -16.77 -1.35 -7.00
C ALA D 322 -17.97 -2.15 -6.49
N GLY D 323 -19.12 -1.48 -6.38
CA GLY D 323 -20.33 -2.16 -5.95
C GLY D 323 -20.70 -3.34 -6.83
N GLY D 324 -20.32 -3.29 -8.11
CA GLY D 324 -20.58 -4.36 -9.06
C GLY D 324 -19.74 -5.60 -8.85
N ASN D 325 -18.59 -5.48 -8.19
CA ASN D 325 -17.72 -6.63 -7.96
C ASN D 325 -18.40 -7.58 -6.99
N ARG D 326 -18.92 -8.70 -7.51
CA ARG D 326 -19.62 -9.73 -6.77
C ARG D 326 -18.69 -10.86 -6.32
N VAL D 327 -17.38 -10.66 -6.44
CA VAL D 327 -16.40 -11.73 -6.24
C VAL D 327 -15.18 -11.20 -5.47
N SER D 328 -14.66 -10.03 -5.87
CA SER D 328 -13.34 -9.56 -5.45
C SER D 328 -13.45 -8.14 -4.87
N ARG D 329 -14.29 -7.91 -3.88
CA ARG D 329 -14.47 -6.55 -3.34
C ARG D 329 -13.85 -6.49 -1.94
N VAL D 330 -12.52 -6.41 -1.90
CA VAL D 330 -11.75 -6.45 -0.66
C VAL D 330 -11.20 -5.08 -0.27
N GLY D 331 -11.60 -4.02 -0.95
CA GLY D 331 -11.08 -2.69 -0.65
C GLY D 331 -9.70 -2.43 -1.24
N LEU D 332 -8.99 -1.47 -0.64
CA LEU D 332 -7.67 -1.07 -1.11
C LEU D 332 -6.66 -2.23 -1.13
N GLU D 333 -6.88 -3.28 -0.34
CA GLU D 333 -5.97 -4.43 -0.27
C GLU D 333 -5.94 -5.27 -1.56
N GLY D 334 -6.90 -5.09 -2.46
CA GLY D 334 -7.03 -6.00 -3.59
C GLY D 334 -5.88 -5.90 -4.56
N ASP D 335 -5.66 -6.99 -5.30
CA ASP D 335 -4.47 -7.11 -6.15
C ASP D 335 -4.39 -5.97 -7.17
N GLN D 336 -5.52 -5.45 -7.62
CA GLN D 336 -5.56 -4.39 -8.62
C GLN D 336 -5.76 -2.99 -8.04
N SER D 337 -6.71 -2.81 -7.12
CA SER D 337 -6.91 -1.48 -6.54
C SER D 337 -5.77 -1.05 -5.63
N SER D 338 -4.97 -1.98 -5.14
CA SER D 338 -3.77 -1.62 -4.38
C SER D 338 -2.81 -0.73 -5.18
N LEU D 339 -2.89 -0.72 -6.51
CA LEU D 339 -1.92 0.04 -7.29
C LEU D 339 -2.04 1.55 -7.00
N PHE D 340 -3.02 1.93 -6.19
CA PHE D 340 -3.06 3.28 -5.64
C PHE D 340 -1.73 3.68 -5.01
N PHE D 341 -1.09 2.75 -4.26
CA PHE D 341 0.16 3.16 -3.60
C PHE D 341 1.28 3.40 -4.59
N GLU D 342 1.15 2.88 -5.81
CA GLU D 342 2.06 3.21 -6.89
C GLU D 342 1.85 4.65 -7.36
N TYR D 343 0.60 5.11 -7.43
CA TYR D 343 0.34 6.54 -7.72
C TYR D 343 1.05 7.42 -6.72
N CYS D 344 0.93 7.08 -5.44
CA CYS D 344 1.60 7.83 -4.38
C CYS D 344 3.09 7.77 -4.51
N ARG D 345 3.62 6.62 -4.90
CA ARG D 345 5.06 6.48 -5.05
C ARG D 345 5.61 7.48 -6.07
N ILE D 346 4.96 7.60 -7.25
CA ILE D 346 5.52 8.47 -8.28
C ILE D 346 5.49 9.92 -7.84
N LEU D 347 4.35 10.34 -7.27
CA LEU D 347 4.19 11.68 -6.76
C LEU D 347 5.40 12.12 -5.94
N GLU D 348 5.77 11.31 -4.94
CA GLU D 348 6.84 11.71 -4.04
C GLU D 348 8.16 11.85 -4.78
N VAL D 349 8.37 11.08 -5.85
CA VAL D 349 9.56 11.26 -6.66
C VAL D 349 9.60 12.64 -7.29
N VAL D 350 8.47 13.08 -7.87
CA VAL D 350 8.46 14.40 -8.47
C VAL D 350 8.49 15.50 -7.41
N ARG D 351 7.79 15.31 -6.28
CA ARG D 351 7.78 16.35 -5.25
C ARG D 351 9.16 16.58 -4.68
N ALA D 352 10.02 15.55 -4.70
CA ALA D 352 11.38 15.71 -4.19
C ALA D 352 12.23 16.62 -5.07
N ARG D 353 11.86 16.83 -6.33
CA ARG D 353 12.58 17.76 -7.19
C ARG D 353 11.91 19.10 -7.30
N MET D 354 10.58 19.12 -7.38
CA MET D 354 9.90 20.38 -7.65
C MET D 354 9.94 21.30 -6.43
N ARG D 355 10.09 20.75 -5.23
CA ARG D 355 10.10 21.54 -3.99
C ARG D 355 11.26 22.55 -3.95
#